data_7BQL
#
_entry.id   7BQL
#
_cell.length_a   86.075
_cell.length_b   86.075
_cell.length_c   291.053
_cell.angle_alpha   90.000
_cell.angle_beta   90.000
_cell.angle_gamma   90.000
#
_symmetry.space_group_name_H-M   'P 41 21 2'
#
loop_
_entity.id
_entity.type
_entity.pdbx_description
1 polymer 'Methyltransf_2 domain-containing protein'
2 non-polymer 3-[(1R,2S,4R,6S)-2-ethenyl-4,6-dimethyl-cyclohexyl]-4-oxidanyl-1H-pyridin-2-one
3 non-polymer DI(HYDROXYETHYL)ETHER
4 water water
#
_entity_poly.entity_id   1
_entity_poly.type   'polypeptide(L)'
_entity_poly.pdbx_seq_one_letter_code
;MVTLAELASDIQSQVKVIDTYLTEHNLPQPTFAPDSPRELPLDANVQRARLLLIEKAMALSNLAIGAADNLRWHCMNNKF
DDMTLHFLARYNIFDAVPRDEPISYAELSKKVGLAEHRLRRIMSMAYTQHYFCTPKPGFVAHTSNSAMAIGDPLALAWIL
HNIEEVQPWYSNKLVDATMKWGDSIDPKHTGPNLNAKPGEEKLFYEIMEEDDQGEWNGVKGKGFRLWRLYDTDKFFGTGG
AIKGTNLLRAFDWGGLGKATVVDIGGITGHLASTVALANPDLTFIVQERNQPWYEKQFYEQLPAELNGRVSYMPHDKYAE
QPVKGADVYFMSTVLHKEPDDKAITILRRCVEAMDPNKSRLLTRDIVMDGGDPPAEDAVINGRAINSKEGSYEAGLGPTG
VITRLNIGIDFQVLAVVNGFERTREEWVTLFKKADPRFALKGCIQTVGNCAALMEWILEE
;
_entity_poly.pdbx_strand_id   A,B
#
loop_
_chem_comp.id
_chem_comp.type
_chem_comp.name
_chem_comp.formula
F5F non-polymer 3-[(1R,2S,4R,6S)-2-ethenyl-4,6-dimethyl-cyclohexyl]-4-oxidanyl-1H-pyridin-2-one 'C15 H21 N O2'
PEG non-polymer DI(HYDROXYETHYL)ETHER 'C4 H10 O3'
#
# COMPACT_ATOMS: atom_id res chain seq x y z
N VAL A 2 -19.08 1.03 -15.78
CA VAL A 2 -19.71 1.51 -14.55
C VAL A 2 -19.35 2.98 -14.32
N THR A 3 -20.29 3.72 -13.72
CA THR A 3 -20.12 5.15 -13.43
C THR A 3 -20.19 5.37 -11.92
N LEU A 4 -19.79 6.59 -11.53
CA LEU A 4 -19.83 6.97 -10.12
C LEU A 4 -21.22 6.76 -9.52
N ALA A 5 -22.27 7.16 -10.25
CA ALA A 5 -23.62 7.08 -9.71
C ALA A 5 -24.08 5.63 -9.56
N GLU A 6 -23.69 4.76 -10.49
CA GLU A 6 -24.05 3.35 -10.38
C GLU A 6 -23.42 2.71 -9.15
N LEU A 7 -22.14 3.02 -8.88
CA LEU A 7 -21.47 2.47 -7.71
C LEU A 7 -22.11 3.00 -6.43
N ALA A 8 -22.39 4.30 -6.37
CA ALA A 8 -23.01 4.86 -5.18
C ALA A 8 -24.40 4.27 -4.93
N SER A 9 -25.15 4.01 -6.00
CA SER A 9 -26.46 3.38 -5.84
C SER A 9 -26.32 1.94 -5.37
N ASP A 10 -25.34 1.21 -5.90
CA ASP A 10 -25.08 -0.15 -5.44
C ASP A 10 -24.69 -0.16 -3.97
N ILE A 11 -23.85 0.78 -3.57
CA ILE A 11 -23.42 0.90 -2.18
C ILE A 11 -24.62 1.06 -1.25
N GLN A 12 -25.59 1.89 -1.64
CA GLN A 12 -26.77 2.07 -0.81
C GLN A 12 -27.52 0.75 -0.62
N SER A 13 -27.59 -0.06 -1.68
CA SER A 13 -28.28 -1.35 -1.58
C SER A 13 -27.62 -2.25 -0.54
N GLN A 14 -26.29 -2.37 -0.59
CA GLN A 14 -25.58 -3.24 0.34
C GLN A 14 -25.63 -2.70 1.76
N VAL A 15 -25.49 -1.39 1.93
CA VAL A 15 -25.53 -0.82 3.28
C VAL A 15 -26.91 -1.05 3.90
N LYS A 16 -27.95 -0.96 3.08
CA LYS A 16 -29.32 -1.18 3.56
C LYS A 16 -29.45 -2.55 4.22
N VAL A 17 -28.90 -3.59 3.60
CA VAL A 17 -28.95 -4.94 4.18
C VAL A 17 -28.30 -4.95 5.56
N ILE A 18 -27.07 -4.42 5.64
CA ILE A 18 -26.35 -4.42 6.91
C ILE A 18 -27.06 -3.52 7.92
N ASP A 19 -27.41 -2.30 7.52
CA ASP A 19 -28.05 -1.36 8.43
C ASP A 19 -29.36 -1.92 8.98
N THR A 20 -30.15 -2.59 8.13
CA THR A 20 -31.41 -3.17 8.60
C THR A 20 -31.17 -4.30 9.59
N TYR A 21 -30.26 -5.22 9.27
CA TYR A 21 -30.00 -6.36 10.15
C TYR A 21 -29.54 -5.91 11.52
N LEU A 22 -28.60 -4.95 11.56
CA LEU A 22 -28.09 -4.46 12.84
C LEU A 22 -29.21 -3.81 13.66
N THR A 23 -30.09 -3.06 13.01
CA THR A 23 -31.17 -2.40 13.72
C THR A 23 -32.21 -3.40 14.20
N GLU A 24 -32.62 -4.32 13.31
CA GLU A 24 -33.64 -5.31 13.66
C GLU A 24 -33.18 -6.28 14.73
N HIS A 25 -31.87 -6.42 14.94
CA HIS A 25 -31.35 -7.30 15.99
C HIS A 25 -30.77 -6.51 17.15
N ASN A 26 -30.88 -5.18 17.13
CA ASN A 26 -30.38 -4.31 18.18
C ASN A 26 -28.91 -4.60 18.49
N LEU A 27 -28.11 -4.61 17.44
CA LEU A 27 -26.67 -4.82 17.53
C LEU A 27 -25.95 -3.50 17.28
N PRO A 28 -24.86 -3.23 18.01
CA PRO A 28 -24.17 -1.95 17.84
C PRO A 28 -23.62 -1.79 16.43
N GLN A 29 -23.64 -0.54 15.96
CA GLN A 29 -23.12 -0.17 14.65
C GLN A 29 -21.59 -0.15 14.68
N PRO A 30 -20.93 -0.64 13.64
CA PRO A 30 -19.48 -0.41 13.52
C PRO A 30 -19.19 1.07 13.35
N THR A 31 -18.18 1.55 14.09
CA THR A 31 -17.68 2.91 13.94
C THR A 31 -16.16 2.85 13.97
N PHE A 32 -15.53 4.02 14.08
CA PHE A 32 -14.09 4.12 14.28
C PHE A 32 -13.73 4.31 15.74
N ALA A 33 -14.70 4.39 16.64
CA ALA A 33 -14.40 4.50 18.05
C ALA A 33 -13.75 3.22 18.57
N PRO A 34 -12.88 3.33 19.58
CA PRO A 34 -12.26 2.12 20.14
C PRO A 34 -13.25 1.10 20.67
N ASP A 35 -14.43 1.52 21.12
CA ASP A 35 -15.42 0.57 21.61
C ASP A 35 -16.25 -0.07 20.51
N SER A 36 -15.96 0.23 19.24
CA SER A 36 -16.74 -0.33 18.15
C SER A 36 -16.61 -1.86 18.12
N PRO A 37 -17.63 -2.55 17.62
CA PRO A 37 -17.44 -3.97 17.29
C PRO A 37 -16.38 -4.10 16.22
N ARG A 38 -15.52 -5.11 16.37
CA ARG A 38 -14.42 -5.29 15.44
C ARG A 38 -14.82 -6.07 14.19
N GLU A 39 -15.99 -6.70 14.20
CA GLU A 39 -16.48 -7.48 13.07
C GLU A 39 -17.99 -7.26 12.95
N LEU A 40 -18.50 -7.52 11.75
CA LEU A 40 -19.93 -7.55 11.51
C LEU A 40 -20.48 -8.93 11.82
N PRO A 41 -21.80 -9.07 11.98
CA PRO A 41 -22.37 -10.39 12.28
C PRO A 41 -22.00 -11.43 11.22
N LEU A 42 -21.92 -12.68 11.68
CA LEU A 42 -21.56 -13.80 10.81
C LEU A 42 -22.69 -14.24 9.90
N ASP A 43 -23.88 -13.66 10.04
CA ASP A 43 -24.99 -13.97 9.14
C ASP A 43 -24.55 -13.85 7.69
N ALA A 44 -24.83 -14.90 6.91
CA ALA A 44 -24.28 -15.00 5.57
C ALA A 44 -24.70 -13.84 4.68
N ASN A 45 -25.95 -13.38 4.81
CA ASN A 45 -26.42 -12.29 3.99
C ASN A 45 -25.76 -10.97 4.38
N VAL A 46 -25.54 -10.76 5.69
CA VAL A 46 -24.78 -9.59 6.13
C VAL A 46 -23.38 -9.63 5.55
N GLN A 47 -22.73 -10.80 5.61
CA GLN A 47 -21.35 -10.90 5.14
C GLN A 47 -21.26 -10.70 3.63
N ARG A 48 -22.22 -11.25 2.88
CA ARG A 48 -22.23 -11.05 1.44
C ARG A 48 -22.41 -9.58 1.08
N ALA A 49 -23.32 -8.89 1.79
CA ALA A 49 -23.46 -7.45 1.57
C ALA A 49 -22.18 -6.73 1.94
N ARG A 50 -21.56 -7.10 3.07
CA ARG A 50 -20.32 -6.48 3.49
C ARG A 50 -19.23 -6.62 2.42
N LEU A 51 -19.07 -7.83 1.88
CA LEU A 51 -18.00 -8.08 0.92
C LEU A 51 -18.23 -7.29 -0.38
N LEU A 52 -19.46 -7.25 -0.86
CA LEU A 52 -19.76 -6.44 -2.05
C LEU A 52 -19.61 -4.95 -1.74
N LEU A 53 -20.01 -4.53 -0.55
CA LEU A 53 -19.87 -3.13 -0.15
C LEU A 53 -18.42 -2.69 -0.22
N ILE A 54 -17.50 -3.49 0.33
CA ILE A 54 -16.08 -3.15 0.27
C ILE A 54 -15.64 -3.05 -1.19
N GLU A 55 -16.02 -4.03 -2.01
CA GLU A 55 -15.64 -4.02 -3.41
C GLU A 55 -16.19 -2.80 -4.14
N LYS A 56 -17.46 -2.48 -3.91
CA LYS A 56 -18.04 -1.30 -4.54
C LYS A 56 -17.38 -0.01 -4.05
N ALA A 57 -17.09 0.06 -2.75
CA ALA A 57 -16.50 1.29 -2.21
C ALA A 57 -15.08 1.50 -2.72
N MET A 58 -14.30 0.41 -2.84
CA MET A 58 -12.96 0.53 -3.40
C MET A 58 -13.00 0.98 -4.85
N ALA A 59 -13.96 0.48 -5.62
CA ALA A 59 -14.11 0.92 -7.01
C ALA A 59 -14.50 2.39 -7.08
N LEU A 60 -15.36 2.83 -6.15
CA LEU A 60 -15.78 4.22 -6.14
C LEU A 60 -14.60 5.16 -5.87
N SER A 61 -13.81 4.87 -4.84
CA SER A 61 -12.66 5.72 -4.55
C SER A 61 -11.66 5.71 -5.70
N ASN A 62 -11.43 4.54 -6.29
CA ASN A 62 -10.55 4.43 -7.44
C ASN A 62 -11.06 5.28 -8.60
N LEU A 63 -12.35 5.13 -8.94
CA LEU A 63 -12.92 5.87 -10.06
C LEU A 63 -12.89 7.37 -9.80
N ALA A 64 -13.13 7.79 -8.56
CA ALA A 64 -13.14 9.21 -8.26
C ALA A 64 -11.72 9.80 -8.27
N ILE A 65 -10.72 9.02 -7.84
CA ILE A 65 -9.34 9.47 -7.97
C ILE A 65 -8.98 9.70 -9.43
N GLY A 66 -9.45 8.83 -10.30
CA GLY A 66 -9.23 8.98 -11.73
C GLY A 66 -7.92 8.39 -12.20
N ALA A 67 -7.86 8.10 -13.51
CA ALA A 67 -6.71 7.42 -14.09
C ALA A 67 -5.42 8.22 -13.97
N ALA A 68 -5.51 9.55 -14.03
CA ALA A 68 -4.31 10.37 -13.97
C ALA A 68 -3.64 10.27 -12.61
N ASP A 69 -4.42 10.27 -11.53
CA ASP A 69 -3.87 10.34 -10.19
C ASP A 69 -3.65 8.99 -9.52
N ASN A 70 -4.27 7.92 -10.02
CA ASN A 70 -4.19 6.63 -9.34
C ASN A 70 -2.75 6.13 -9.24
N LEU A 71 -2.09 5.94 -10.38
CA LEU A 71 -0.71 5.48 -10.36
C LEU A 71 0.21 6.49 -9.70
N ARG A 72 -0.01 7.78 -9.94
CA ARG A 72 0.81 8.82 -9.33
C ARG A 72 0.70 8.77 -7.81
N TRP A 73 -0.51 8.64 -7.28
CA TRP A 73 -0.70 8.64 -5.83
C TRP A 73 -0.28 7.32 -5.20
N HIS A 74 -0.59 6.20 -5.86
CA HIS A 74 -0.31 4.88 -5.28
C HIS A 74 1.18 4.72 -4.95
N CYS A 75 2.04 4.92 -5.94
CA CYS A 75 3.47 4.75 -5.71
C CYS A 75 4.02 5.78 -4.74
N MET A 76 3.28 6.86 -4.47
CA MET A 76 3.77 7.84 -3.49
C MET A 76 3.39 7.43 -2.07
N ASN A 77 2.15 7.00 -1.85
CA ASN A 77 1.59 6.86 -0.51
C ASN A 77 1.58 5.42 0.00
N ASN A 78 1.27 4.46 -0.89
CA ASN A 78 1.08 3.06 -0.50
C ASN A 78 2.20 2.56 0.42
N LYS A 79 3.45 2.68 -0.03
CA LYS A 79 4.58 2.19 0.75
C LYS A 79 4.69 2.87 2.11
N PHE A 80 4.11 4.05 2.28
CA PHE A 80 4.21 4.77 3.54
C PHE A 80 3.12 4.38 4.52
N ASP A 81 2.04 3.74 4.05
CA ASP A 81 1.13 3.08 4.97
C ASP A 81 1.82 1.93 5.69
N ASP A 82 2.69 1.20 4.97
CA ASP A 82 3.49 0.16 5.60
C ASP A 82 4.48 0.74 6.58
N MET A 83 5.20 1.80 6.17
CA MET A 83 6.22 2.39 7.04
C MET A 83 5.60 2.98 8.30
N THR A 84 4.41 3.54 8.20
CA THR A 84 3.75 4.09 9.38
C THR A 84 3.50 2.99 10.41
N LEU A 85 2.97 1.85 9.96
CA LEU A 85 2.79 0.72 10.86
C LEU A 85 4.14 0.20 11.37
N HIS A 86 5.19 0.33 10.56
CA HIS A 86 6.53 -0.04 11.03
C HIS A 86 6.93 0.79 12.23
N PHE A 87 6.74 2.11 12.15
CA PHE A 87 7.05 2.99 13.27
C PHE A 87 6.18 2.67 14.49
N LEU A 88 4.87 2.49 14.27
CA LEU A 88 3.95 2.23 15.38
C LEU A 88 4.33 0.95 16.11
N ALA A 89 4.75 -0.08 15.37
CA ALA A 89 5.13 -1.33 15.99
C ALA A 89 6.46 -1.22 16.72
N ARG A 90 7.49 -0.71 16.03
CA ARG A 90 8.83 -0.68 16.62
C ARG A 90 8.91 0.26 17.81
N TYR A 91 8.07 1.30 17.84
CA TYR A 91 8.07 2.23 18.97
C TYR A 91 6.99 1.90 20.00
N ASN A 92 6.25 0.81 19.81
CA ASN A 92 5.28 0.34 20.81
C ASN A 92 4.22 1.40 21.08
N ILE A 93 3.75 2.05 20.02
CA ILE A 93 2.87 3.20 20.19
C ILE A 93 1.43 2.78 20.46
N PHE A 94 1.00 1.64 19.92
CA PHE A 94 -0.32 1.10 20.25
C PHE A 94 -0.51 0.99 21.77
N ASP A 95 0.47 0.41 22.46
CA ASP A 95 0.35 0.24 23.91
C ASP A 95 0.53 1.57 24.65
N ALA A 96 1.28 2.51 24.08
CA ALA A 96 1.57 3.75 24.78
C ALA A 96 0.39 4.71 24.77
N VAL A 97 -0.49 4.62 23.78
CA VAL A 97 -1.68 5.47 23.70
C VAL A 97 -2.79 4.79 24.50
N PRO A 98 -3.36 5.44 25.50
CA PRO A 98 -4.44 4.81 26.28
C PRO A 98 -5.64 4.50 25.40
N ARG A 99 -6.25 3.34 25.66
CA ARG A 99 -7.38 2.90 24.84
C ARG A 99 -8.52 3.91 24.85
N ASP A 100 -8.88 4.40 26.04
CA ASP A 100 -10.09 5.18 26.24
C ASP A 100 -9.79 6.62 26.65
N GLU A 101 -8.57 7.08 26.42
CA GLU A 101 -8.13 8.38 26.85
C GLU A 101 -7.19 8.98 25.81
N PRO A 102 -7.30 10.28 25.55
CA PRO A 102 -6.31 10.94 24.69
C PRO A 102 -5.00 11.11 25.43
N ILE A 103 -3.94 11.27 24.64
CA ILE A 103 -2.61 11.57 25.17
C ILE A 103 -2.00 12.63 24.27
N SER A 104 -1.25 13.54 24.86
CA SER A 104 -0.62 14.60 24.10
C SER A 104 0.60 14.07 23.36
N TYR A 105 0.94 14.72 22.25
CA TYR A 105 2.15 14.35 21.51
C TYR A 105 3.37 14.45 22.40
N ALA A 106 3.44 15.49 23.23
CA ALA A 106 4.58 15.67 24.11
C ALA A 106 4.73 14.50 25.07
N GLU A 107 3.62 14.09 25.70
CA GLU A 107 3.69 12.96 26.62
C GLU A 107 3.95 11.65 25.89
N LEU A 108 3.30 11.46 24.74
CA LEU A 108 3.55 10.24 23.96
C LEU A 108 4.99 10.17 23.50
N SER A 109 5.58 11.32 23.13
CA SER A 109 6.96 11.36 22.68
C SER A 109 7.92 10.87 23.76
N LYS A 110 7.69 11.29 25.01
CA LYS A 110 8.54 10.89 26.12
C LYS A 110 8.38 9.41 26.42
N LYS A 111 7.16 8.90 26.25
CA LYS A 111 6.86 7.51 26.59
C LYS A 111 7.56 6.54 25.64
N VAL A 112 7.64 6.89 24.36
CA VAL A 112 8.17 5.98 23.34
C VAL A 112 9.57 6.34 22.88
N GLY A 113 10.09 7.50 23.26
CA GLY A 113 11.43 7.86 22.83
C GLY A 113 11.51 8.21 21.36
N LEU A 114 10.47 8.84 20.82
CA LEU A 114 10.47 9.36 19.46
C LEU A 114 10.22 10.86 19.55
N ALA A 115 11.15 11.66 19.02
CA ALA A 115 11.03 13.10 19.07
C ALA A 115 9.66 13.55 18.57
N GLU A 116 9.11 14.58 19.22
CA GLU A 116 7.71 14.93 19.01
C GLU A 116 7.43 15.31 17.56
N HIS A 117 8.37 16.00 16.91
CA HIS A 117 8.12 16.46 15.54
C HIS A 117 7.94 15.28 14.59
N ARG A 118 8.84 14.30 14.67
CA ARG A 118 8.69 13.13 13.80
C ARG A 118 7.48 12.30 14.21
N LEU A 119 7.23 12.20 15.53
CA LEU A 119 6.04 11.49 16.00
C LEU A 119 4.76 12.05 15.39
N ARG A 120 4.64 13.39 15.33
CA ARG A 120 3.46 14.00 14.75
C ARG A 120 3.31 13.63 13.28
N ARG A 121 4.43 13.61 12.54
CA ARG A 121 4.38 13.25 11.13
C ARG A 121 3.95 11.79 10.96
N ILE A 122 4.47 10.90 11.80
CA ILE A 122 4.09 9.48 11.74
C ILE A 122 2.60 9.33 12.02
N MET A 123 2.13 9.92 13.13
CA MET A 123 0.73 9.76 13.50
C MET A 123 -0.21 10.32 12.45
N SER A 124 0.18 11.45 11.84
CA SER A 124 -0.70 12.09 10.86
C SER A 124 -0.96 11.19 9.66
N MET A 125 0.04 10.43 9.23
CA MET A 125 -0.21 9.47 8.15
C MET A 125 -1.11 8.34 8.63
N ALA A 126 -0.88 7.84 9.85
CA ALA A 126 -1.75 6.80 10.40
C ALA A 126 -3.21 7.25 10.41
N TYR A 127 -3.47 8.52 10.73
CA TYR A 127 -4.83 9.03 10.76
C TYR A 127 -5.56 8.81 9.44
N THR A 128 -4.85 8.99 8.32
CA THR A 128 -5.51 8.94 7.01
C THR A 128 -6.04 7.54 6.67
N GLN A 129 -5.51 6.49 7.30
CA GLN A 129 -6.06 5.15 7.17
C GLN A 129 -6.83 4.72 8.41
N HIS A 130 -7.28 5.67 9.23
CA HIS A 130 -8.15 5.41 10.38
C HIS A 130 -7.45 4.57 11.45
N TYR A 131 -6.13 4.68 11.51
CA TYR A 131 -5.35 4.18 12.65
C TYR A 131 -5.04 5.38 13.53
N PHE A 132 -5.61 5.40 14.75
CA PHE A 132 -5.56 6.54 15.66
C PHE A 132 -6.28 7.75 15.09
N CYS A 133 -6.53 8.74 15.93
CA CYS A 133 -7.11 10.00 15.48
C CYS A 133 -6.59 11.11 16.38
N THR A 134 -6.88 12.35 16.00
CA THR A 134 -6.56 13.49 16.85
C THR A 134 -7.86 14.18 17.27
N PRO A 135 -8.33 13.95 18.51
CA PRO A 135 -9.62 14.55 18.92
C PRO A 135 -9.54 16.02 19.26
N LYS A 136 -8.35 16.53 19.58
CA LYS A 136 -8.15 17.95 19.86
C LYS A 136 -6.71 18.29 19.52
N PRO A 137 -6.42 19.56 19.25
CA PRO A 137 -5.06 19.93 18.80
C PRO A 137 -4.00 19.48 19.80
N GLY A 138 -2.99 18.78 19.27
CA GLY A 138 -1.91 18.28 20.10
C GLY A 138 -2.19 17.00 20.84
N PHE A 139 -3.24 16.26 20.48
CA PHE A 139 -3.64 15.08 21.22
C PHE A 139 -3.91 13.91 20.28
N VAL A 140 -3.58 12.72 20.76
CA VAL A 140 -3.74 11.47 20.01
C VAL A 140 -4.72 10.59 20.78
N ALA A 141 -5.61 9.92 20.05
CA ALA A 141 -6.50 8.94 20.64
C ALA A 141 -6.57 7.73 19.71
N HIS A 142 -6.98 6.60 20.28
CA HIS A 142 -7.12 5.38 19.50
C HIS A 142 -8.36 5.43 18.62
N THR A 143 -8.32 4.64 17.54
CA THR A 143 -9.50 4.24 16.80
C THR A 143 -9.71 2.74 16.98
N SER A 144 -10.79 2.24 16.39
CA SER A 144 -11.04 0.80 16.43
C SER A 144 -9.91 0.02 15.75
N ASN A 145 -9.40 0.54 14.63
CA ASN A 145 -8.37 -0.17 13.89
C ASN A 145 -7.05 -0.25 14.65
N SER A 146 -6.76 0.74 15.48
CA SER A 146 -5.53 0.72 16.26
C SER A 146 -5.71 0.05 17.61
N ALA A 147 -6.90 0.14 18.21
CA ALA A 147 -7.13 -0.43 19.53
C ALA A 147 -7.03 -1.96 19.53
N MET A 148 -7.35 -2.60 18.40
CA MET A 148 -7.25 -4.05 18.31
C MET A 148 -5.85 -4.55 18.62
N ALA A 149 -4.82 -3.72 18.39
CA ALA A 149 -3.44 -4.13 18.60
C ALA A 149 -2.94 -3.85 20.01
N ILE A 150 -3.75 -3.22 20.87
CA ILE A 150 -3.31 -2.92 22.22
C ILE A 150 -3.06 -4.23 22.97
N GLY A 151 -1.88 -4.34 23.57
CA GLY A 151 -1.53 -5.51 24.35
C GLY A 151 -1.47 -6.80 23.57
N ASP A 152 -1.42 -6.74 22.25
CA ASP A 152 -1.39 -7.93 21.42
C ASP A 152 -0.06 -8.04 20.68
N PRO A 153 0.89 -8.83 21.18
CA PRO A 153 2.16 -9.02 20.45
C PRO A 153 1.98 -9.76 19.13
N LEU A 154 0.87 -10.49 18.95
CA LEU A 154 0.63 -11.17 17.68
C LEU A 154 0.40 -10.16 16.56
N ALA A 155 -0.30 -9.06 16.86
CA ALA A 155 -0.48 -8.01 15.86
C ALA A 155 0.85 -7.39 15.46
N LEU A 156 1.68 -7.05 16.45
CA LEU A 156 3.00 -6.48 16.16
C LEU A 156 3.87 -7.46 15.39
N ALA A 157 3.77 -8.75 15.71
CA ALA A 157 4.52 -9.76 14.97
C ALA A 157 4.16 -9.74 13.50
N TRP A 158 2.87 -9.56 13.19
CA TRP A 158 2.43 -9.55 11.80
C TRP A 158 2.95 -8.32 11.06
N ILE A 159 2.99 -7.17 11.73
CA ILE A 159 3.57 -5.98 11.12
C ILE A 159 5.05 -6.21 10.81
N LEU A 160 5.80 -6.68 11.80
CA LEU A 160 7.25 -6.78 11.65
C LEU A 160 7.67 -7.91 10.72
N HIS A 161 6.91 -9.01 10.70
CA HIS A 161 7.24 -10.12 9.82
C HIS A 161 7.16 -9.72 8.35
N ASN A 162 6.19 -8.87 8.00
CA ASN A 162 6.03 -8.51 6.60
C ASN A 162 6.99 -7.40 6.18
N ILE A 163 7.14 -6.37 7.02
CA ILE A 163 7.91 -5.20 6.63
C ILE A 163 9.40 -5.39 6.85
N GLU A 164 9.80 -6.23 7.80
CA GLU A 164 11.22 -6.43 8.07
C GLU A 164 11.75 -7.74 7.49
N GLU A 165 10.88 -8.57 6.90
CA GLU A 165 11.35 -9.84 6.33
C GLU A 165 10.77 -10.09 4.95
N VAL A 166 9.46 -10.35 4.86
CA VAL A 166 8.86 -10.73 3.59
C VAL A 166 9.11 -9.66 2.53
N GLN A 167 8.84 -8.40 2.89
CA GLN A 167 8.90 -7.34 1.89
C GLN A 167 10.35 -7.05 1.45
N PRO A 168 11.28 -6.74 2.36
CA PRO A 168 12.64 -6.41 1.87
C PRO A 168 13.39 -7.62 1.32
N TRP A 169 13.18 -8.82 1.85
CA TRP A 169 13.96 -9.98 1.43
C TRP A 169 13.35 -10.74 0.26
N TYR A 170 12.04 -10.69 0.07
CA TYR A 170 11.40 -11.60 -0.87
C TYR A 170 10.57 -10.88 -1.92
N SER A 171 9.53 -10.16 -1.50
CA SER A 171 8.63 -9.55 -2.47
C SER A 171 9.33 -8.45 -3.27
N ASN A 172 10.21 -7.69 -2.63
N ASN A 172 10.22 -7.69 -2.64
CA ASN A 172 10.98 -6.67 -3.35
CA ASN A 172 10.96 -6.66 -3.34
C ASN A 172 11.88 -7.29 -4.40
C ASN A 172 11.97 -7.24 -4.33
N LYS A 173 12.35 -8.52 -4.17
CA LYS A 173 13.29 -9.18 -5.07
C LYS A 173 12.62 -10.23 -5.94
N LEU A 174 11.29 -10.32 -5.91
CA LEU A 174 10.61 -11.37 -6.65
C LEU A 174 10.76 -11.21 -8.16
N VAL A 175 10.79 -9.96 -8.65
CA VAL A 175 11.04 -9.73 -10.06
C VAL A 175 12.41 -10.26 -10.45
N ASP A 176 13.44 -9.86 -9.69
CA ASP A 176 14.79 -10.38 -9.94
C ASP A 176 14.82 -11.90 -9.81
N ALA A 177 14.13 -12.45 -8.80
CA ALA A 177 14.08 -13.90 -8.66
C ALA A 177 13.47 -14.56 -9.89
N THR A 178 12.41 -13.95 -10.45
CA THR A 178 11.75 -14.56 -11.61
C THR A 178 12.65 -14.50 -12.84
N MET A 179 13.41 -13.42 -13.02
CA MET A 179 14.27 -13.33 -14.19
C MET A 179 15.54 -14.15 -14.06
N LYS A 180 15.91 -14.56 -12.85
CA LYS A 180 17.07 -15.41 -12.68
C LYS A 180 16.72 -16.89 -12.79
N TRP A 181 15.58 -17.30 -12.23
CA TRP A 181 15.19 -18.70 -12.18
C TRP A 181 13.92 -19.04 -12.95
N GLY A 182 13.13 -18.05 -13.39
CA GLY A 182 11.91 -18.36 -14.10
C GLY A 182 10.78 -18.71 -13.15
N ASP A 183 9.72 -19.29 -13.73
CA ASP A 183 8.56 -19.71 -12.95
C ASP A 183 8.93 -21.00 -12.22
N SER A 184 9.67 -20.84 -11.12
CA SER A 184 10.22 -21.96 -10.37
C SER A 184 9.29 -22.34 -9.24
N ILE A 185 9.43 -23.59 -8.79
CA ILE A 185 8.77 -24.07 -7.58
C ILE A 185 9.78 -24.51 -6.53
N ASP A 186 11.05 -24.11 -6.68
CA ASP A 186 12.10 -24.50 -5.76
C ASP A 186 12.23 -23.45 -4.66
N PRO A 187 12.11 -23.82 -3.39
CA PRO A 187 12.22 -22.82 -2.32
C PRO A 187 13.59 -22.15 -2.24
N LYS A 188 14.61 -22.70 -2.90
CA LYS A 188 15.90 -22.03 -2.94
C LYS A 188 15.91 -20.84 -3.90
N HIS A 189 14.99 -20.81 -4.86
CA HIS A 189 14.96 -19.78 -5.88
C HIS A 189 14.11 -18.60 -5.40
N THR A 190 14.62 -17.94 -4.37
CA THR A 190 13.95 -16.84 -3.69
C THR A 190 14.94 -15.72 -3.47
N GLY A 191 14.41 -14.55 -3.09
CA GLY A 191 15.16 -13.32 -2.98
C GLY A 191 16.56 -13.40 -2.37
N PRO A 192 16.69 -13.93 -1.14
CA PRO A 192 17.99 -13.92 -0.47
C PRO A 192 19.09 -14.68 -1.19
N ASN A 193 18.75 -15.50 -2.20
CA ASN A 193 19.72 -16.35 -2.87
C ASN A 193 20.07 -15.84 -4.28
N LEU A 194 19.78 -14.57 -4.56
CA LEU A 194 20.05 -14.03 -5.89
C LEU A 194 21.54 -14.05 -6.23
N ASN A 195 22.40 -13.88 -5.22
CA ASN A 195 23.86 -13.87 -5.41
C ASN A 195 24.53 -14.98 -4.62
N ALA A 196 23.82 -16.09 -4.42
CA ALA A 196 24.35 -17.25 -3.72
C ALA A 196 25.02 -18.20 -4.72
N LYS A 197 26.02 -18.92 -4.22
CA LYS A 197 26.67 -19.90 -5.07
C LYS A 197 25.81 -21.15 -5.17
N PRO A 198 25.78 -21.80 -6.34
CA PRO A 198 24.96 -23.01 -6.48
C PRO A 198 25.34 -24.04 -5.41
N GLY A 199 24.35 -24.46 -4.64
CA GLY A 199 24.54 -25.40 -3.56
C GLY A 199 24.50 -24.81 -2.16
N GLU A 200 24.78 -23.52 -1.99
CA GLU A 200 24.79 -22.91 -0.67
C GLU A 200 23.62 -21.95 -0.46
N GLU A 201 22.52 -22.14 -1.18
CA GLU A 201 21.34 -21.32 -0.99
C GLU A 201 20.73 -21.60 0.39
N LYS A 202 20.09 -20.57 0.94
CA LYS A 202 19.41 -20.67 2.23
C LYS A 202 17.90 -20.64 2.02
N LEU A 203 17.20 -21.48 2.76
CA LEU A 203 15.75 -21.52 2.68
C LEU A 203 15.13 -20.58 3.69
N PHE A 204 13.91 -20.13 3.40
CA PHE A 204 13.21 -19.21 4.29
C PHE A 204 13.09 -19.79 5.69
N TYR A 205 12.61 -21.03 5.81
CA TYR A 205 12.45 -21.64 7.12
C TYR A 205 13.79 -21.98 7.76
N GLU A 206 14.85 -22.14 6.97
CA GLU A 206 16.19 -22.27 7.56
C GLU A 206 16.59 -20.97 8.24
N ILE A 207 16.41 -19.85 7.55
CA ILE A 207 16.70 -18.55 8.15
C ILE A 207 15.84 -18.34 9.38
N MET A 208 14.56 -18.74 9.31
CA MET A 208 13.66 -18.57 10.45
C MET A 208 14.14 -19.33 11.67
N GLU A 209 14.52 -20.60 11.50
CA GLU A 209 14.82 -21.43 12.66
C GLU A 209 16.27 -21.34 13.12
N GLU A 210 17.19 -20.83 12.28
CA GLU A 210 18.61 -20.85 12.63
C GLU A 210 19.16 -19.50 13.08
N ASP A 211 18.58 -18.38 12.62
CA ASP A 211 19.08 -17.07 13.02
C ASP A 211 18.89 -16.86 14.52
N ASP A 212 19.95 -16.41 15.19
CA ASP A 212 19.91 -16.15 16.61
C ASP A 212 20.21 -14.69 16.96
N GLN A 213 20.43 -13.83 15.98
CA GLN A 213 20.77 -12.43 16.25
C GLN A 213 19.50 -11.60 16.46
N GLY A 214 18.83 -11.91 17.57
CA GLY A 214 17.63 -11.18 17.92
C GLY A 214 16.85 -11.92 18.99
N GLU A 215 15.65 -11.41 19.25
CA GLU A 215 14.77 -11.96 20.28
C GLU A 215 13.36 -11.45 20.01
N TRP A 216 12.37 -12.26 20.40
CA TRP A 216 10.98 -11.86 20.19
C TRP A 216 10.07 -12.55 21.21
N ASN A 217 9.31 -11.75 21.93
CA ASN A 217 8.16 -12.19 22.74
C ASN A 217 8.47 -13.46 23.53
N GLY A 218 9.54 -13.40 24.32
CA GLY A 218 9.88 -14.46 25.24
C GLY A 218 10.90 -15.46 24.73
N VAL A 219 11.32 -15.35 23.47
CA VAL A 219 12.31 -16.26 22.89
C VAL A 219 13.53 -15.44 22.51
N LYS A 220 14.68 -15.78 23.08
CA LYS A 220 15.95 -15.09 22.83
C LYS A 220 16.87 -16.01 22.05
N GLY A 221 17.50 -15.46 21.01
CA GLY A 221 18.47 -16.26 20.26
C GLY A 221 17.86 -17.09 19.15
N LYS A 222 18.38 -18.32 19.00
CA LYS A 222 18.04 -19.19 17.89
C LYS A 222 16.53 -19.34 17.73
N GLY A 223 16.05 -19.09 16.52
CA GLY A 223 14.67 -19.32 16.18
C GLY A 223 13.71 -18.20 16.52
N PHE A 224 14.21 -17.05 16.97
CA PHE A 224 13.33 -15.96 17.35
C PHE A 224 12.43 -15.53 16.19
N ARG A 225 12.94 -15.60 14.96
CA ARG A 225 12.11 -15.26 13.80
C ARG A 225 11.02 -16.29 13.57
N LEU A 226 11.34 -17.58 13.76
CA LEU A 226 10.31 -18.61 13.62
C LEU A 226 9.26 -18.49 14.72
N TRP A 227 9.70 -18.14 15.93
CA TRP A 227 8.73 -17.88 17.01
C TRP A 227 7.85 -16.70 16.66
N ARG A 228 8.44 -15.63 16.13
CA ARG A 228 7.63 -14.51 15.66
C ARG A 228 6.69 -14.93 14.54
N LEU A 229 7.18 -15.77 13.62
CA LEU A 229 6.33 -16.32 12.57
C LEU A 229 5.16 -17.09 13.17
N TYR A 230 5.44 -17.92 14.17
CA TYR A 230 4.38 -18.67 14.83
C TYR A 230 3.36 -17.73 15.47
N ASP A 231 3.83 -16.61 16.02
CA ASP A 231 2.92 -15.60 16.56
C ASP A 231 1.98 -15.06 15.49
N THR A 232 2.49 -14.81 14.28
CA THR A 232 1.61 -14.30 13.23
C THR A 232 0.63 -15.37 12.77
N ASP A 233 0.99 -16.65 12.85
CA ASP A 233 0.03 -17.70 12.57
C ASP A 233 -1.09 -17.70 13.60
N LYS A 234 -0.75 -17.54 14.89
CA LYS A 234 -1.78 -17.39 15.92
C LYS A 234 -2.63 -16.15 15.65
N PHE A 235 -2.00 -15.07 15.19
CA PHE A 235 -2.72 -13.81 14.97
C PHE A 235 -3.91 -13.98 14.04
N PHE A 236 -3.76 -14.79 13.00
CA PHE A 236 -4.86 -15.01 12.08
C PHE A 236 -5.89 -15.99 12.61
N GLY A 237 -5.60 -16.68 13.72
CA GLY A 237 -6.57 -17.55 14.35
C GLY A 237 -7.49 -16.85 15.34
N THR A 238 -7.02 -15.78 15.95
CA THR A 238 -7.74 -15.16 17.06
C THR A 238 -8.93 -14.31 16.59
N GLY A 239 -8.97 -13.92 15.33
CA GLY A 239 -10.04 -13.05 14.87
C GLY A 239 -9.92 -12.81 13.37
N GLY A 240 -11.02 -12.33 12.81
CA GLY A 240 -11.04 -11.98 11.40
C GLY A 240 -11.40 -13.13 10.49
N ALA A 241 -11.07 -12.94 9.21
CA ALA A 241 -11.52 -13.83 8.14
C ALA A 241 -11.18 -15.29 8.41
N ILE A 242 -9.96 -15.56 8.87
CA ILE A 242 -9.49 -16.95 9.02
C ILE A 242 -9.47 -17.33 10.49
N LYS A 243 -10.39 -16.76 11.27
CA LYS A 243 -10.46 -17.05 12.71
C LYS A 243 -10.67 -18.55 12.94
N GLY A 244 -10.03 -19.05 14.01
CA GLY A 244 -10.07 -20.47 14.30
C GLY A 244 -11.47 -21.02 14.51
N THR A 245 -12.35 -20.20 15.11
CA THR A 245 -13.71 -20.66 15.41
C THR A 245 -14.54 -20.91 14.17
N ASN A 246 -14.18 -20.34 13.01
CA ASN A 246 -14.89 -20.66 11.77
C ASN A 246 -14.74 -22.13 11.40
N LEU A 247 -13.70 -22.81 11.91
CA LEU A 247 -13.61 -24.26 11.74
C LEU A 247 -14.83 -24.95 12.32
N LEU A 248 -15.30 -24.49 13.48
CA LEU A 248 -16.46 -25.10 14.13
C LEU A 248 -17.71 -25.00 13.29
N ARG A 249 -17.75 -24.09 12.31
CA ARG A 249 -18.91 -23.90 11.46
C ARG A 249 -18.81 -24.66 10.13
N ALA A 250 -17.63 -25.17 9.78
CA ALA A 250 -17.41 -25.78 8.48
C ALA A 250 -17.26 -27.30 8.56
N PHE A 251 -17.37 -27.89 9.75
CA PHE A 251 -17.29 -29.33 9.91
C PHE A 251 -17.93 -29.71 11.23
N ASP A 252 -18.63 -30.85 11.22
CA ASP A 252 -19.38 -31.33 12.39
C ASP A 252 -18.40 -32.03 13.33
N TRP A 253 -17.62 -31.23 14.06
CA TRP A 253 -16.63 -31.78 14.96
C TRP A 253 -17.28 -32.57 16.10
N GLY A 254 -18.37 -32.05 16.65
CA GLY A 254 -19.06 -32.75 17.72
C GLY A 254 -19.60 -34.09 17.30
N GLY A 255 -19.93 -34.24 16.01
CA GLY A 255 -20.40 -35.50 15.49
C GLY A 255 -19.38 -36.61 15.50
N LEU A 256 -18.10 -36.28 15.69
CA LEU A 256 -17.06 -37.32 15.73
C LEU A 256 -17.15 -38.16 17.00
N GLY A 257 -17.79 -37.66 18.05
CA GLY A 257 -17.81 -38.39 19.30
C GLY A 257 -16.43 -38.43 19.94
N LYS A 258 -16.20 -39.50 20.70
CA LYS A 258 -14.88 -39.73 21.27
C LYS A 258 -13.90 -40.04 20.15
N ALA A 259 -12.95 -39.14 19.89
CA ALA A 259 -12.14 -39.28 18.69
C ALA A 259 -10.81 -38.58 18.87
N THR A 260 -9.84 -38.98 18.05
CA THR A 260 -8.49 -38.42 18.08
C THR A 260 -8.18 -37.79 16.72
N VAL A 261 -7.74 -36.54 16.74
CA VAL A 261 -7.34 -35.81 15.54
C VAL A 261 -5.81 -35.70 15.54
N VAL A 262 -5.21 -36.01 14.41
CA VAL A 262 -3.77 -35.85 14.21
C VAL A 262 -3.56 -34.56 13.42
N ASP A 263 -2.95 -33.57 14.07
CA ASP A 263 -2.78 -32.24 13.49
C ASP A 263 -1.38 -32.17 12.90
N ILE A 264 -1.27 -32.49 11.61
CA ILE A 264 0.01 -32.49 10.92
C ILE A 264 0.37 -31.06 10.54
N GLY A 265 1.51 -30.58 11.04
CA GLY A 265 1.93 -29.22 10.77
C GLY A 265 1.16 -28.18 11.56
N GLY A 266 0.75 -28.50 12.78
CA GLY A 266 -0.14 -27.65 13.54
C GLY A 266 0.51 -26.51 14.32
N ILE A 267 1.68 -26.06 13.88
CA ILE A 267 2.36 -24.91 14.47
C ILE A 267 2.55 -25.14 15.97
N THR A 268 1.93 -24.29 16.79
CA THR A 268 1.98 -24.41 18.23
C THR A 268 0.70 -24.99 18.83
N GLY A 269 -0.24 -25.41 17.98
CA GLY A 269 -1.47 -26.03 18.42
C GLY A 269 -2.61 -25.08 18.78
N HIS A 270 -2.52 -23.80 18.39
CA HIS A 270 -3.60 -22.87 18.71
C HIS A 270 -4.89 -23.26 18.01
N LEU A 271 -4.81 -23.79 16.79
CA LEU A 271 -6.00 -24.24 16.09
C LEU A 271 -6.60 -25.47 16.76
N ALA A 272 -5.74 -26.44 17.11
CA ALA A 272 -6.21 -27.59 17.87
C ALA A 272 -6.84 -27.17 19.19
N SER A 273 -6.21 -26.22 19.88
CA SER A 273 -6.74 -25.74 21.15
C SER A 273 -8.12 -25.13 20.98
N THR A 274 -8.34 -24.42 19.86
CA THR A 274 -9.65 -23.81 19.64
C THR A 274 -10.72 -24.87 19.43
N VAL A 275 -10.44 -25.87 18.60
CA VAL A 275 -11.42 -26.93 18.34
C VAL A 275 -11.62 -27.78 19.59
N ALA A 276 -10.54 -28.05 20.34
CA ALA A 276 -10.65 -28.95 21.48
C ALA A 276 -11.41 -28.31 22.64
N LEU A 277 -11.22 -27.01 22.85
CA LEU A 277 -11.98 -26.31 23.89
C LEU A 277 -13.48 -26.41 23.62
N ALA A 278 -13.89 -26.36 22.36
CA ALA A 278 -15.30 -26.41 22.02
C ALA A 278 -15.85 -27.83 21.94
N ASN A 279 -14.98 -28.84 21.90
CA ASN A 279 -15.41 -30.24 21.76
C ASN A 279 -14.66 -31.08 22.78
N PRO A 280 -15.23 -31.25 23.98
CA PRO A 280 -14.48 -31.92 25.07
C PRO A 280 -14.18 -33.39 24.81
N ASP A 281 -14.78 -34.01 23.81
CA ASP A 281 -14.59 -35.43 23.54
C ASP A 281 -13.49 -35.71 22.51
N LEU A 282 -12.77 -34.69 22.06
CA LEU A 282 -11.73 -34.86 21.04
C LEU A 282 -10.35 -34.79 21.66
N THR A 283 -9.45 -35.63 21.13
CA THR A 283 -8.03 -35.57 21.43
C THR A 283 -7.30 -35.03 20.20
N PHE A 284 -6.32 -34.16 20.42
CA PHE A 284 -5.50 -33.62 19.34
C PHE A 284 -4.05 -33.97 19.58
N ILE A 285 -3.42 -34.59 18.58
CA ILE A 285 -1.98 -34.82 18.56
C ILE A 285 -1.39 -33.82 17.57
N VAL A 286 -0.67 -32.83 18.09
CA VAL A 286 -0.04 -31.81 17.25
C VAL A 286 1.31 -32.33 16.82
N GLN A 287 1.48 -32.56 15.51
CA GLN A 287 2.72 -33.05 14.95
C GLN A 287 3.42 -31.89 14.25
N GLU A 288 4.65 -31.61 14.66
CA GLU A 288 5.39 -30.45 14.19
C GLU A 288 6.88 -30.69 14.42
N ARG A 289 7.70 -30.07 13.58
CA ARG A 289 9.14 -30.15 13.74
C ARG A 289 9.57 -29.46 15.03
N ASN A 290 10.44 -30.11 15.79
CA ASN A 290 10.83 -29.60 17.10
C ASN A 290 11.81 -28.44 16.98
N GLN A 291 11.83 -27.62 18.02
CA GLN A 291 12.74 -26.50 18.16
C GLN A 291 13.20 -26.45 19.61
N PRO A 292 14.36 -25.86 19.89
CA PRO A 292 14.84 -25.83 21.28
C PRO A 292 13.87 -25.18 22.24
N TRP A 293 13.10 -24.20 21.79
CA TRP A 293 12.16 -23.47 22.64
C TRP A 293 10.73 -23.98 22.52
N TYR A 294 10.48 -24.97 21.67
CA TYR A 294 9.10 -25.32 21.33
C TYR A 294 8.36 -25.94 22.51
N GLU A 295 8.93 -27.00 23.10
CA GLU A 295 8.19 -27.78 24.09
C GLU A 295 7.83 -26.94 25.31
N LYS A 296 8.77 -26.11 25.79
CA LYS A 296 8.45 -25.28 26.94
C LYS A 296 7.39 -24.24 26.59
N GLN A 297 7.48 -23.65 25.39
CA GLN A 297 6.46 -22.69 24.96
C GLN A 297 5.14 -23.38 24.64
N PHE A 298 5.18 -24.61 24.13
CA PHE A 298 3.96 -25.31 23.75
C PHE A 298 3.01 -25.48 24.93
N TYR A 299 3.54 -25.92 26.07
CA TYR A 299 2.69 -26.26 27.21
C TYR A 299 2.37 -25.06 28.09
N GLU A 300 3.18 -24.00 28.05
CA GLU A 300 2.87 -22.81 28.83
C GLU A 300 1.68 -22.06 28.26
N GLN A 301 1.54 -22.04 26.93
CA GLN A 301 0.44 -21.35 26.27
C GLN A 301 -0.79 -22.22 26.13
N LEU A 302 -0.67 -23.51 26.41
CA LEU A 302 -1.77 -24.44 26.25
C LEU A 302 -2.76 -24.24 27.39
N PRO A 303 -4.05 -24.04 27.10
CA PRO A 303 -5.02 -23.84 28.18
C PRO A 303 -5.06 -25.03 29.12
N ALA A 304 -4.95 -24.74 30.42
CA ALA A 304 -4.95 -25.81 31.41
C ALA A 304 -6.27 -26.57 31.40
N GLU A 305 -7.36 -25.90 31.05
CA GLU A 305 -8.66 -26.56 30.98
C GLU A 305 -8.70 -27.73 30.00
N LEU A 306 -7.69 -27.90 29.15
CA LEU A 306 -7.66 -28.98 28.17
C LEU A 306 -7.26 -30.32 28.77
N ASN A 307 -6.61 -30.31 29.94
CA ASN A 307 -6.21 -31.53 30.64
C ASN A 307 -5.42 -32.47 29.75
N GLY A 308 -4.51 -31.91 28.97
CA GLY A 308 -3.64 -32.70 28.12
C GLY A 308 -4.29 -33.29 26.88
N ARG A 309 -5.55 -32.96 26.61
CA ARG A 309 -6.21 -33.46 25.41
C ARG A 309 -5.52 -32.98 24.13
N VAL A 310 -4.79 -31.86 24.20
CA VAL A 310 -3.95 -31.41 23.10
C VAL A 310 -2.51 -31.68 23.52
N SER A 311 -1.80 -32.47 22.73
CA SER A 311 -0.44 -32.89 23.04
C SER A 311 0.44 -32.70 21.82
N TYR A 312 1.73 -32.60 22.06
CA TYR A 312 2.72 -32.39 21.00
C TYR A 312 3.49 -33.68 20.76
N MET A 313 3.59 -34.08 19.50
CA MET A 313 4.39 -35.22 19.08
C MET A 313 5.33 -34.78 17.98
N PRO A 314 6.65 -34.75 18.21
CA PRO A 314 7.58 -34.39 17.14
C PRO A 314 7.45 -35.35 15.96
N HIS A 315 7.45 -34.79 14.75
CA HIS A 315 7.19 -35.60 13.57
C HIS A 315 7.64 -34.86 12.31
N ASP A 316 8.21 -35.61 11.37
CA ASP A 316 8.52 -35.13 10.04
C ASP A 316 7.32 -35.42 9.14
N LYS A 317 6.71 -34.35 8.60
CA LYS A 317 5.50 -34.50 7.80
C LYS A 317 5.71 -35.40 6.59
N TYR A 318 6.95 -35.56 6.12
CA TYR A 318 7.24 -36.44 5.00
C TYR A 318 7.48 -37.89 5.42
N ALA A 319 7.64 -38.15 6.72
CA ALA A 319 7.99 -39.48 7.19
C ALA A 319 6.73 -40.31 7.43
N GLU A 320 6.93 -41.56 7.82
CA GLU A 320 5.81 -42.45 8.08
C GLU A 320 4.98 -41.91 9.24
N GLN A 321 3.67 -41.92 9.07
CA GLN A 321 2.74 -41.46 10.09
C GLN A 321 2.69 -42.47 11.23
N PRO A 322 3.14 -42.12 12.44
CA PRO A 322 3.17 -43.10 13.53
C PRO A 322 1.82 -43.37 14.19
N VAL A 323 0.80 -42.57 13.92
CA VAL A 323 -0.52 -42.74 14.50
C VAL A 323 -1.41 -43.43 13.47
N LYS A 324 -1.80 -44.67 13.75
CA LYS A 324 -2.54 -45.50 12.81
C LYS A 324 -4.03 -45.46 13.14
N GLY A 325 -4.85 -45.38 12.10
CA GLY A 325 -6.28 -45.51 12.24
C GLY A 325 -6.96 -44.40 13.02
N ALA A 326 -6.38 -43.22 13.05
CA ALA A 326 -7.02 -42.10 13.74
C ALA A 326 -8.31 -41.70 13.02
N ASP A 327 -9.19 -41.04 13.76
CA ASP A 327 -10.48 -40.64 13.19
C ASP A 327 -10.32 -39.54 12.15
N VAL A 328 -9.43 -38.58 12.40
CA VAL A 328 -9.21 -37.48 11.48
C VAL A 328 -7.72 -37.19 11.39
N TYR A 329 -7.22 -37.01 10.17
CA TYR A 329 -5.89 -36.48 9.92
C TYR A 329 -6.06 -35.09 9.33
N PHE A 330 -5.53 -34.09 10.03
CA PHE A 330 -5.89 -32.69 9.81
C PHE A 330 -4.66 -31.87 9.43
N MET A 331 -4.76 -31.14 8.32
CA MET A 331 -3.70 -30.26 7.86
C MET A 331 -4.32 -28.91 7.50
N SER A 332 -3.93 -27.86 8.22
CA SER A 332 -4.47 -26.52 7.98
C SER A 332 -3.39 -25.65 7.33
N THR A 333 -3.68 -25.18 6.11
CA THR A 333 -2.77 -24.32 5.35
C THR A 333 -1.35 -24.87 5.33
N VAL A 334 -1.25 -26.19 5.15
CA VAL A 334 0.03 -26.87 5.00
C VAL A 334 0.36 -27.10 3.53
N LEU A 335 -0.59 -27.65 2.77
CA LEU A 335 -0.29 -28.12 1.42
C LEU A 335 -0.10 -26.98 0.43
N HIS A 336 -0.59 -25.77 0.73
CA HIS A 336 -0.38 -24.67 -0.21
C HIS A 336 1.07 -24.21 -0.25
N LYS A 337 1.92 -24.72 0.65
CA LYS A 337 3.36 -24.51 0.59
C LYS A 337 4.10 -25.71 0.02
N GLU A 338 3.37 -26.71 -0.47
CA GLU A 338 3.97 -27.96 -0.94
C GLU A 338 3.66 -28.16 -2.41
N PRO A 339 4.66 -28.17 -3.30
CA PRO A 339 4.42 -28.55 -4.70
C PRO A 339 3.84 -29.96 -4.79
N ASP A 340 3.37 -30.31 -5.99
CA ASP A 340 2.60 -31.53 -6.19
C ASP A 340 3.32 -32.76 -5.63
N ASP A 341 4.59 -32.93 -5.95
CA ASP A 341 5.29 -34.16 -5.57
C ASP A 341 5.54 -34.20 -4.07
N LYS A 342 5.85 -33.06 -3.46
CA LYS A 342 6.01 -33.03 -2.01
C LYS A 342 4.66 -33.21 -1.31
N ALA A 343 3.61 -32.60 -1.84
CA ALA A 343 2.27 -32.76 -1.25
C ALA A 343 1.79 -34.19 -1.38
N ILE A 344 2.03 -34.82 -2.53
CA ILE A 344 1.62 -36.21 -2.73
C ILE A 344 2.34 -37.12 -1.75
N THR A 345 3.60 -36.82 -1.45
CA THR A 345 4.35 -37.60 -0.46
C THR A 345 3.64 -37.56 0.89
N ILE A 346 3.22 -36.37 1.32
CA ILE A 346 2.54 -36.24 2.61
C ILE A 346 1.21 -36.97 2.58
N LEU A 347 0.44 -36.79 1.51
CA LEU A 347 -0.87 -37.43 1.42
C LEU A 347 -0.75 -38.95 1.43
N ARG A 348 0.28 -39.49 0.79
CA ARG A 348 0.47 -40.94 0.79
C ARG A 348 0.90 -41.45 2.16
N ARG A 349 1.68 -40.65 2.90
CA ARG A 349 1.95 -40.99 4.30
C ARG A 349 0.65 -41.09 5.10
N CYS A 350 -0.29 -40.18 4.84
CA CYS A 350 -1.58 -40.23 5.52
C CYS A 350 -2.38 -41.45 5.09
N VAL A 351 -2.40 -41.75 3.79
CA VAL A 351 -3.17 -42.88 3.28
C VAL A 351 -2.69 -44.18 3.91
N GLU A 352 -1.37 -44.32 4.07
CA GLU A 352 -0.82 -45.54 4.64
C GLU A 352 -1.36 -45.78 6.05
N ALA A 353 -1.47 -44.73 6.85
CA ALA A 353 -1.92 -44.86 8.23
C ALA A 353 -3.44 -44.88 8.38
N MET A 354 -4.19 -44.52 7.35
CA MET A 354 -5.64 -44.39 7.47
C MET A 354 -6.33 -45.75 7.37
N ASP A 355 -7.40 -45.92 8.14
CA ASP A 355 -8.35 -46.99 7.89
C ASP A 355 -9.42 -46.44 6.96
N PRO A 356 -9.52 -46.93 5.72
CA PRO A 356 -10.45 -46.34 4.75
C PRO A 356 -11.91 -46.36 5.19
N ASN A 357 -12.26 -47.12 6.22
CA ASN A 357 -13.64 -47.21 6.69
C ASN A 357 -13.85 -46.45 7.99
N LYS A 358 -12.81 -45.85 8.55
CA LYS A 358 -12.99 -45.24 9.86
C LYS A 358 -12.25 -43.90 9.96
N SER A 359 -11.37 -43.59 9.00
CA SER A 359 -10.55 -42.38 9.03
C SER A 359 -11.03 -41.34 8.01
N ARG A 360 -10.95 -40.07 8.39
CA ARG A 360 -11.16 -38.95 7.49
C ARG A 360 -9.85 -38.17 7.34
N LEU A 361 -9.69 -37.51 6.19
CA LEU A 361 -8.62 -36.56 5.98
C LEU A 361 -9.23 -35.20 5.72
N LEU A 362 -8.90 -34.23 6.56
CA LEU A 362 -9.45 -32.88 6.47
C LEU A 362 -8.33 -31.87 6.27
N THR A 363 -8.49 -31.00 5.27
CA THR A 363 -7.55 -29.93 5.01
C THR A 363 -8.27 -28.60 4.99
N ARG A 364 -7.65 -27.59 5.59
CA ARG A 364 -8.08 -26.21 5.42
C ARG A 364 -7.09 -25.53 4.49
N ASP A 365 -7.57 -25.07 3.33
CA ASP A 365 -6.73 -24.42 2.35
C ASP A 365 -7.60 -23.48 1.53
N ILE A 366 -6.94 -22.58 0.81
CA ILE A 366 -7.64 -21.70 -0.10
C ILE A 366 -8.12 -22.51 -1.31
N VAL A 367 -9.39 -22.37 -1.64
CA VAL A 367 -9.94 -22.84 -2.90
C VAL A 367 -10.11 -21.60 -3.77
N MET A 368 -9.24 -21.45 -4.77
CA MET A 368 -9.12 -20.17 -5.47
C MET A 368 -10.44 -19.74 -6.09
N ASP A 369 -11.20 -20.69 -6.63
CA ASP A 369 -12.50 -20.39 -7.22
C ASP A 369 -13.65 -20.53 -6.21
N GLY A 370 -13.35 -20.79 -4.94
CA GLY A 370 -14.36 -20.74 -3.90
C GLY A 370 -14.96 -22.07 -3.51
N GLY A 371 -15.20 -22.25 -2.21
CA GLY A 371 -15.89 -23.41 -1.70
C GLY A 371 -17.39 -23.19 -1.60
N ASP A 372 -18.08 -24.08 -0.94
CA ASP A 372 -19.48 -23.96 -0.76
C ASP A 372 -19.79 -23.53 0.62
N PRO A 373 -20.87 -22.82 0.78
CA PRO A 373 -21.25 -22.37 2.10
C PRO A 373 -21.85 -23.45 2.90
N PRO A 374 -21.87 -23.22 4.17
CA PRO A 374 -22.42 -24.16 5.10
C PRO A 374 -23.83 -24.33 4.67
N ALA A 375 -24.45 -25.41 5.10
CA ALA A 375 -25.83 -25.83 4.87
C ALA A 375 -26.78 -24.66 4.94
N GLU A 376 -26.99 -24.25 6.16
CA GLU A 376 -27.84 -23.11 6.44
C GLU A 376 -27.62 -21.87 5.55
N ASP A 377 -26.37 -21.53 5.31
CA ASP A 377 -26.04 -20.36 4.56
C ASP A 377 -26.19 -20.52 3.06
N GLU A 389 -24.11 -11.40 -7.88
CA GLU A 389 -25.01 -11.08 -9.02
C GLU A 389 -24.54 -11.51 -10.42
N GLY A 390 -23.26 -11.29 -10.69
CA GLY A 390 -22.76 -11.69 -11.97
C GLY A 390 -22.64 -13.19 -11.98
N SER A 391 -21.48 -13.66 -12.41
CA SER A 391 -21.18 -15.08 -12.43
C SER A 391 -20.44 -15.55 -11.18
N TYR A 392 -20.06 -14.63 -10.29
CA TYR A 392 -19.27 -14.99 -9.11
C TYR A 392 -20.05 -14.79 -7.82
N GLU A 393 -19.76 -15.64 -6.84
CA GLU A 393 -20.29 -15.46 -5.50
C GLU A 393 -19.68 -14.21 -4.86
N ALA A 394 -20.44 -13.60 -3.95
CA ALA A 394 -20.00 -12.38 -3.28
C ALA A 394 -18.62 -12.58 -2.66
N GLY A 395 -17.72 -11.62 -2.90
CA GLY A 395 -16.35 -11.72 -2.47
C GLY A 395 -15.41 -12.31 -3.49
N LEU A 396 -15.92 -12.98 -4.52
CA LEU A 396 -15.10 -13.58 -5.56
C LEU A 396 -15.21 -12.74 -6.83
N GLY A 397 -14.62 -13.24 -7.92
CA GLY A 397 -14.51 -12.48 -9.14
C GLY A 397 -13.22 -11.69 -9.21
N PRO A 398 -12.95 -11.09 -10.37
CA PRO A 398 -11.64 -10.43 -10.58
C PRO A 398 -11.37 -9.27 -9.64
N THR A 399 -12.40 -8.63 -9.08
CA THR A 399 -12.21 -7.56 -8.11
C THR A 399 -12.79 -7.92 -6.74
N GLY A 400 -13.05 -9.21 -6.52
CA GLY A 400 -13.62 -9.63 -5.24
C GLY A 400 -12.65 -9.39 -4.10
N VAL A 401 -13.20 -9.04 -2.94
CA VAL A 401 -12.38 -8.74 -1.77
C VAL A 401 -11.73 -10.01 -1.23
N ILE A 402 -12.46 -11.14 -1.26
CA ILE A 402 -11.86 -12.40 -0.85
C ILE A 402 -10.89 -12.91 -1.92
N THR A 403 -11.22 -12.68 -3.20
CA THR A 403 -10.25 -12.89 -4.26
C THR A 403 -8.94 -12.17 -3.97
N ARG A 404 -9.04 -10.92 -3.53
CA ARG A 404 -7.85 -10.13 -3.20
C ARG A 404 -7.06 -10.77 -2.07
N LEU A 405 -7.75 -11.20 -1.01
CA LEU A 405 -7.07 -11.87 0.09
C LEU A 405 -6.45 -13.19 -0.36
N ASN A 406 -7.15 -13.94 -1.22
CA ASN A 406 -6.59 -15.19 -1.76
C ASN A 406 -5.29 -14.92 -2.51
N ILE A 407 -5.29 -13.92 -3.40
CA ILE A 407 -4.09 -13.59 -4.16
C ILE A 407 -2.97 -13.13 -3.24
N GLY A 408 -3.31 -12.34 -2.22
CA GLY A 408 -2.30 -11.90 -1.27
C GLY A 408 -1.60 -13.05 -0.59
N ILE A 409 -2.37 -14.07 -0.18
CA ILE A 409 -1.74 -15.25 0.41
C ILE A 409 -1.00 -16.04 -0.65
N ASP A 410 -1.58 -16.12 -1.86
CA ASP A 410 -0.87 -16.76 -2.98
C ASP A 410 0.47 -16.09 -3.21
N PHE A 411 0.51 -14.76 -3.21
CA PHE A 411 1.77 -14.05 -3.37
C PHE A 411 2.69 -14.23 -2.17
N GLN A 412 2.12 -14.39 -0.98
CA GLN A 412 2.92 -14.56 0.23
C GLN A 412 3.71 -15.87 0.17
N VAL A 413 3.03 -16.97 -0.18
CA VAL A 413 3.74 -18.24 -0.30
C VAL A 413 4.60 -18.26 -1.55
N LEU A 414 4.22 -17.51 -2.59
CA LEU A 414 5.07 -17.40 -3.78
C LEU A 414 6.40 -16.73 -3.43
N ALA A 415 6.36 -15.66 -2.65
CA ALA A 415 7.57 -14.92 -2.32
C ALA A 415 8.53 -15.77 -1.48
N VAL A 416 8.01 -16.43 -0.45
CA VAL A 416 8.88 -17.03 0.56
C VAL A 416 9.35 -18.43 0.17
N VAL A 417 8.49 -19.25 -0.47
CA VAL A 417 8.86 -20.64 -0.73
C VAL A 417 8.46 -21.05 -2.15
N ASN A 418 8.05 -20.08 -2.96
CA ASN A 418 7.56 -20.33 -4.32
C ASN A 418 6.35 -21.27 -4.32
N GLY A 419 5.51 -21.18 -3.29
CA GLY A 419 4.27 -21.93 -3.26
C GLY A 419 3.21 -21.30 -4.15
N PHE A 420 2.03 -21.90 -4.12
CA PHE A 420 0.93 -21.43 -4.95
C PHE A 420 -0.38 -21.96 -4.40
N GLU A 421 -1.45 -21.20 -4.63
CA GLU A 421 -2.79 -21.63 -4.27
C GLU A 421 -3.43 -22.40 -5.42
N ARG A 422 -4.46 -23.18 -5.09
CA ARG A 422 -5.09 -24.09 -6.03
C ARG A 422 -6.59 -23.82 -6.12
N THR A 423 -7.15 -24.18 -7.27
CA THR A 423 -8.59 -24.26 -7.44
C THR A 423 -9.11 -25.59 -6.89
N ARG A 424 -10.43 -25.72 -6.82
CA ARG A 424 -11.02 -26.96 -6.33
C ARG A 424 -10.67 -28.14 -7.23
N GLU A 425 -10.66 -27.93 -8.55
CA GLU A 425 -10.34 -29.02 -9.46
C GLU A 425 -8.87 -29.42 -9.34
N GLU A 426 -7.98 -28.45 -9.10
CA GLU A 426 -6.59 -28.78 -8.87
C GLU A 426 -6.39 -29.58 -7.59
N TRP A 427 -7.17 -29.27 -6.55
CA TRP A 427 -7.11 -30.05 -5.31
C TRP A 427 -7.54 -31.49 -5.55
N VAL A 428 -8.68 -31.67 -6.24
CA VAL A 428 -9.20 -33.02 -6.49
C VAL A 428 -8.21 -33.82 -7.33
N THR A 429 -7.65 -33.20 -8.38
CA THR A 429 -6.65 -33.86 -9.20
C THR A 429 -5.44 -34.29 -8.37
N LEU A 430 -4.98 -33.41 -7.48
CA LEU A 430 -3.79 -33.71 -6.68
C LEU A 430 -4.05 -34.88 -5.75
N PHE A 431 -5.22 -34.90 -5.10
CA PHE A 431 -5.52 -36.00 -4.18
C PHE A 431 -5.67 -37.33 -4.92
N LYS A 432 -6.25 -37.29 -6.12
CA LYS A 432 -6.44 -38.53 -6.87
C LYS A 432 -5.13 -39.07 -7.44
N LYS A 433 -4.18 -38.18 -7.76
CA LYS A 433 -2.84 -38.65 -8.11
C LYS A 433 -2.18 -39.34 -6.92
N ALA A 434 -2.38 -38.79 -5.71
CA ALA A 434 -1.84 -39.42 -4.51
C ALA A 434 -2.48 -40.78 -4.28
N ASP A 435 -3.80 -40.87 -4.45
CA ASP A 435 -4.52 -42.12 -4.32
C ASP A 435 -5.85 -42.00 -5.04
N PRO A 436 -6.12 -42.83 -6.05
CA PRO A 436 -7.37 -42.71 -6.81
C PRO A 436 -8.62 -42.95 -6.00
N ARG A 437 -8.52 -43.51 -4.80
CA ARG A 437 -9.68 -43.72 -3.95
C ARG A 437 -10.17 -42.45 -3.29
N PHE A 438 -9.38 -41.37 -3.33
CA PHE A 438 -9.75 -40.14 -2.65
C PHE A 438 -10.99 -39.53 -3.30
N ALA A 439 -11.89 -39.03 -2.45
CA ALA A 439 -13.11 -38.37 -2.91
C ALA A 439 -13.39 -37.18 -2.02
N LEU A 440 -13.67 -36.04 -2.63
CA LEU A 440 -14.01 -34.83 -1.88
C LEU A 440 -15.47 -34.91 -1.45
N LYS A 441 -15.71 -35.16 -0.17
CA LYS A 441 -17.06 -35.25 0.36
C LYS A 441 -17.64 -33.91 0.76
N GLY A 442 -16.79 -32.92 1.01
CA GLY A 442 -17.24 -31.62 1.45
C GLY A 442 -16.17 -30.55 1.26
N CYS A 443 -16.58 -29.37 0.82
CA CYS A 443 -15.68 -28.24 0.58
C CYS A 443 -16.39 -26.99 1.09
N ILE A 444 -16.31 -26.76 2.40
CA ILE A 444 -17.13 -25.78 3.08
C ILE A 444 -16.30 -24.53 3.36
N GLN A 445 -16.78 -23.39 2.88
CA GLN A 445 -16.12 -22.10 3.07
C GLN A 445 -17.16 -21.12 3.62
N THR A 446 -17.02 -20.73 4.88
CA THR A 446 -17.94 -19.77 5.46
C THR A 446 -17.81 -18.42 4.77
N VAL A 447 -18.93 -17.71 4.64
CA VAL A 447 -18.93 -16.43 3.95
C VAL A 447 -18.19 -15.42 4.81
N GLY A 448 -17.28 -14.67 4.18
CA GLY A 448 -16.34 -13.84 4.88
C GLY A 448 -14.99 -14.48 5.14
N ASN A 449 -14.91 -15.80 5.01
CA ASN A 449 -13.66 -16.55 5.15
C ASN A 449 -13.06 -16.79 3.77
N CYS A 450 -11.73 -16.85 3.73
CA CYS A 450 -11.01 -17.10 2.49
C CYS A 450 -10.56 -18.55 2.34
N ALA A 451 -10.56 -19.31 3.42
CA ALA A 451 -10.16 -20.71 3.39
C ALA A 451 -11.37 -21.63 3.48
N ALA A 452 -11.26 -22.80 2.85
CA ALA A 452 -12.32 -23.79 2.86
C ALA A 452 -11.86 -25.02 3.63
N LEU A 453 -12.80 -25.65 4.32
CA LEU A 453 -12.56 -26.90 5.03
C LEU A 453 -12.98 -28.04 4.10
N MET A 454 -12.01 -28.83 3.67
CA MET A 454 -12.23 -29.91 2.72
C MET A 454 -12.11 -31.24 3.44
N GLU A 455 -13.13 -32.09 3.30
CA GLU A 455 -13.16 -33.40 3.95
C GLU A 455 -12.97 -34.46 2.86
N TRP A 456 -11.89 -35.23 2.99
CA TRP A 456 -11.54 -36.29 2.04
C TRP A 456 -11.70 -37.65 2.69
N ILE A 457 -12.22 -38.61 1.93
CA ILE A 457 -12.30 -40.00 2.36
C ILE A 457 -11.73 -40.88 1.26
N LEU A 458 -11.37 -42.11 1.64
CA LEU A 458 -10.90 -43.13 0.71
C LEU A 458 -12.07 -44.07 0.41
N GLU A 459 -12.56 -44.05 -0.83
CA GLU A 459 -13.67 -44.90 -1.22
C GLU A 459 -13.18 -46.30 -1.60
N VAL B 2 -19.09 7.78 13.18
CA VAL B 2 -19.75 7.65 11.90
C VAL B 2 -20.14 6.19 11.65
N THR B 3 -21.24 5.98 10.92
CA THR B 3 -21.74 4.65 10.63
C THR B 3 -21.70 4.40 9.12
N LEU B 4 -21.87 3.12 8.76
CA LEU B 4 -21.91 2.73 7.35
C LEU B 4 -22.96 3.51 6.58
N ALA B 5 -24.17 3.62 7.15
CA ALA B 5 -25.26 4.28 6.45
C ALA B 5 -25.01 5.78 6.32
N GLU B 6 -24.42 6.39 7.35
CA GLU B 6 -24.11 7.82 7.28
C GLU B 6 -23.10 8.10 6.18
N LEU B 7 -22.05 7.26 6.07
CA LEU B 7 -21.06 7.44 5.01
C LEU B 7 -21.69 7.23 3.64
N ALA B 8 -22.51 6.18 3.50
CA ALA B 8 -23.15 5.91 2.22
C ALA B 8 -24.07 7.06 1.80
N SER B 9 -24.74 7.67 2.78
CA SER B 9 -25.60 8.82 2.48
C SER B 9 -24.76 10.02 2.05
N ASP B 10 -23.63 10.26 2.73
CA ASP B 10 -22.75 11.36 2.34
C ASP B 10 -22.21 11.16 0.92
N ILE B 11 -21.81 9.93 0.60
CA ILE B 11 -21.28 9.63 -0.73
C ILE B 11 -22.28 10.01 -1.82
N GLN B 12 -23.57 9.69 -1.61
CA GLN B 12 -24.59 10.02 -2.59
C GLN B 12 -24.66 11.52 -2.83
N SER B 13 -24.49 12.32 -1.77
CA SER B 13 -24.51 13.77 -1.92
C SER B 13 -23.38 14.23 -2.84
N GLN B 14 -22.18 13.69 -2.67
CA GLN B 14 -21.05 14.11 -3.47
C GLN B 14 -21.23 13.71 -4.93
N VAL B 15 -21.76 12.51 -5.16
CA VAL B 15 -21.95 12.02 -6.53
C VAL B 15 -22.96 12.87 -7.27
N LYS B 16 -24.02 13.31 -6.57
CA LYS B 16 -25.03 14.14 -7.20
C LYS B 16 -24.42 15.41 -7.79
N VAL B 17 -23.54 16.07 -7.04
CA VAL B 17 -22.87 17.26 -7.53
C VAL B 17 -22.09 16.95 -8.81
N ILE B 18 -21.25 15.92 -8.77
CA ILE B 18 -20.43 15.57 -9.93
C ILE B 18 -21.32 15.10 -11.09
N ASP B 19 -22.24 14.17 -10.81
CA ASP B 19 -23.09 13.63 -11.85
C ASP B 19 -23.91 14.73 -12.52
N THR B 20 -24.40 15.69 -11.74
CA THR B 20 -25.16 16.80 -12.31
C THR B 20 -24.29 17.66 -13.23
N TYR B 21 -23.09 18.01 -12.76
CA TYR B 21 -22.22 18.87 -13.57
C TYR B 21 -21.86 18.21 -14.90
N LEU B 22 -21.51 16.93 -14.87
CA LEU B 22 -21.14 16.24 -16.10
C LEU B 22 -22.32 16.19 -17.07
N THR B 23 -23.54 15.96 -16.54
CA THR B 23 -24.72 15.88 -17.40
C THR B 23 -25.09 17.26 -17.95
N GLU B 24 -25.11 18.27 -17.08
CA GLU B 24 -25.48 19.62 -17.51
C GLU B 24 -24.50 20.23 -18.49
N HIS B 25 -23.27 19.71 -18.56
CA HIS B 25 -22.26 20.20 -19.49
C HIS B 25 -21.97 19.22 -20.61
N ASN B 26 -22.73 18.13 -20.70
CA ASN B 26 -22.56 17.13 -21.76
C ASN B 26 -21.11 16.65 -21.82
N LEU B 27 -20.57 16.27 -20.67
CA LEU B 27 -19.22 15.76 -20.54
C LEU B 27 -19.23 14.26 -20.28
N PRO B 28 -18.29 13.51 -20.83
CA PRO B 28 -18.28 12.06 -20.63
C PRO B 28 -18.09 11.70 -19.17
N GLN B 29 -18.74 10.59 -18.77
CA GLN B 29 -18.64 10.04 -17.43
C GLN B 29 -17.32 9.28 -17.27
N PRO B 30 -16.66 9.40 -16.12
CA PRO B 30 -15.52 8.53 -15.83
C PRO B 30 -15.97 7.08 -15.69
N THR B 31 -15.22 6.17 -16.33
CA THR B 31 -15.41 4.74 -16.17
C THR B 31 -14.05 4.09 -16.02
N PHE B 32 -14.02 2.76 -16.09
CA PHE B 32 -12.77 2.00 -16.11
C PHE B 32 -12.34 1.62 -17.51
N ALA B 33 -13.11 1.98 -18.53
CA ALA B 33 -12.71 1.71 -19.91
C ALA B 33 -11.48 2.55 -20.27
N PRO B 34 -10.61 2.04 -21.14
CA PRO B 34 -9.42 2.81 -21.54
C PRO B 34 -9.73 4.15 -22.16
N ASP B 35 -10.91 4.32 -22.77
CA ASP B 35 -11.30 5.58 -23.36
C ASP B 35 -11.87 6.57 -22.35
N SER B 36 -11.90 6.22 -21.06
CA SER B 36 -12.46 7.09 -20.06
C SER B 36 -11.67 8.40 -19.95
N PRO B 37 -12.32 9.50 -19.56
CA PRO B 37 -11.56 10.69 -19.18
C PRO B 37 -10.67 10.39 -17.98
N ARG B 38 -9.46 10.92 -18.01
CA ARG B 38 -8.49 10.64 -16.95
C ARG B 38 -8.66 11.53 -15.72
N GLU B 39 -9.42 12.62 -15.84
CA GLU B 39 -9.63 13.56 -14.75
C GLU B 39 -11.06 14.07 -14.80
N LEU B 40 -11.54 14.54 -13.66
CA LEU B 40 -12.81 15.24 -13.62
C LEU B 40 -12.59 16.71 -13.92
N PRO B 41 -13.66 17.45 -14.27
CA PRO B 41 -13.49 18.88 -14.58
C PRO B 41 -12.85 19.64 -13.43
N LEU B 42 -12.12 20.71 -13.79
CA LEU B 42 -11.40 21.52 -12.81
C LEU B 42 -12.32 22.45 -12.01
N ASP B 43 -13.62 22.48 -12.32
CA ASP B 43 -14.57 23.27 -11.55
C ASP B 43 -14.42 23.00 -10.05
N ALA B 44 -14.31 24.09 -9.28
CA ALA B 44 -13.97 23.97 -7.86
C ALA B 44 -15.00 23.13 -7.09
N ASN B 45 -16.28 23.28 -7.43
CA ASN B 45 -17.31 22.51 -6.72
C ASN B 45 -17.24 21.04 -7.10
N VAL B 46 -16.96 20.74 -8.37
CA VAL B 46 -16.75 19.35 -8.78
C VAL B 46 -15.56 18.75 -8.02
N GLN B 47 -14.45 19.50 -7.97
CA GLN B 47 -13.24 18.97 -7.34
C GLN B 47 -13.42 18.81 -5.84
N ARG B 48 -14.07 19.77 -5.18
CA ARG B 48 -14.30 19.64 -3.74
C ARG B 48 -15.18 18.42 -3.46
N ALA B 49 -16.23 18.21 -4.25
CA ALA B 49 -17.04 17.01 -4.10
C ALA B 49 -16.22 15.76 -4.36
N ARG B 50 -15.39 15.78 -5.41
CA ARG B 50 -14.54 14.63 -5.72
C ARG B 50 -13.66 14.26 -4.54
N LEU B 51 -13.00 15.25 -3.93
CA LEU B 51 -12.07 14.97 -2.85
C LEU B 51 -12.79 14.38 -1.65
N LEU B 52 -13.95 14.92 -1.30
CA LEU B 52 -14.74 14.36 -0.22
C LEU B 52 -15.26 12.98 -0.58
N LEU B 53 -15.67 12.79 -1.83
CA LEU B 53 -16.13 11.47 -2.28
C LEU B 53 -15.08 10.41 -2.05
N ILE B 54 -13.83 10.68 -2.44
CA ILE B 54 -12.74 9.72 -2.22
C ILE B 54 -12.57 9.44 -0.74
N GLU B 55 -12.56 10.50 0.07
CA GLU B 55 -12.37 10.35 1.52
C GLU B 55 -13.50 9.52 2.13
N LYS B 56 -14.75 9.81 1.77
CA LYS B 56 -15.87 9.04 2.28
C LYS B 56 -15.84 7.60 1.77
N ALA B 57 -15.45 7.40 0.52
CA ALA B 57 -15.43 6.05 -0.03
C ALA B 57 -14.34 5.20 0.61
N MET B 58 -13.17 5.81 0.86
CA MET B 58 -12.11 5.09 1.57
C MET B 58 -12.53 4.76 2.99
N ALA B 59 -13.23 5.68 3.65
CA ALA B 59 -13.72 5.42 5.00
C ALA B 59 -14.76 4.30 4.98
N LEU B 60 -15.61 4.29 3.95
CA LEU B 60 -16.65 3.25 3.87
C LEU B 60 -16.03 1.87 3.73
N SER B 61 -15.07 1.72 2.81
N SER B 61 -15.07 1.72 2.81
CA SER B 61 -14.38 0.45 2.66
CA SER B 61 -14.39 0.43 2.67
C SER B 61 -13.64 0.07 3.94
C SER B 61 -13.65 0.06 3.95
N ASN B 62 -12.97 1.03 4.56
CA ASN B 62 -12.27 0.78 5.82
C ASN B 62 -13.22 0.29 6.90
N LEU B 63 -14.32 1.01 7.09
CA LEU B 63 -15.27 0.64 8.14
C LEU B 63 -15.92 -0.72 7.87
N ALA B 64 -16.19 -1.03 6.60
CA ALA B 64 -16.84 -2.30 6.29
C ALA B 64 -15.88 -3.47 6.43
N ILE B 65 -14.59 -3.26 6.13
CA ILE B 65 -13.59 -4.29 6.41
C ILE B 65 -13.55 -4.58 7.90
N GLY B 66 -13.65 -3.54 8.73
CA GLY B 66 -13.72 -3.70 10.17
C GLY B 66 -12.34 -3.76 10.81
N ALA B 67 -12.33 -3.47 12.11
CA ALA B 67 -11.07 -3.38 12.85
C ALA B 67 -10.32 -4.70 12.88
N ALA B 68 -11.05 -5.83 12.90
CA ALA B 68 -10.39 -7.13 12.98
C ALA B 68 -9.57 -7.44 11.73
N ASP B 69 -10.09 -7.12 10.55
CA ASP B 69 -9.47 -7.51 9.30
C ASP B 69 -8.53 -6.45 8.71
N ASN B 70 -8.63 -5.19 9.16
CA ASN B 70 -7.87 -4.12 8.53
C ASN B 70 -6.37 -4.36 8.62
N LEU B 71 -5.85 -4.45 9.86
CA LEU B 71 -4.42 -4.69 10.02
C LEU B 71 -4.02 -6.04 9.43
N ARG B 72 -4.86 -7.04 9.57
CA ARG B 72 -4.59 -8.32 9.04
C ARG B 72 -4.50 -8.29 7.56
N TRP B 73 -5.45 -7.65 6.90
CA TRP B 73 -5.44 -7.62 5.45
C TRP B 73 -4.41 -6.71 4.88
N HIS B 74 -4.14 -5.63 5.57
CA HIS B 74 -3.17 -4.69 5.13
C HIS B 74 -1.74 -5.18 4.97
N CYS B 75 -1.22 -5.83 5.97
CA CYS B 75 0.14 -6.33 5.93
C CYS B 75 0.30 -7.44 4.95
N MET B 76 -0.78 -8.08 4.57
CA MET B 76 -0.76 -9.14 3.59
C MET B 76 -0.80 -8.59 2.17
N ASN B 77 -1.67 -7.61 1.90
CA ASN B 77 -1.98 -7.21 0.53
C ASN B 77 -1.27 -5.94 0.07
N ASN B 78 -1.14 -4.94 0.95
CA ASN B 78 -0.56 -3.65 0.59
C ASN B 78 0.73 -3.76 -0.21
N LYS B 79 1.73 -4.44 0.34
CA LYS B 79 3.03 -4.54 -0.31
C LYS B 79 2.95 -5.23 -1.67
N PHE B 80 1.92 -6.02 -1.92
CA PHE B 80 1.83 -6.75 -3.18
C PHE B 80 1.14 -5.94 -4.29
N ASP B 81 0.43 -4.87 -3.93
CA ASP B 81 0.01 -3.91 -4.96
C ASP B 81 1.24 -3.22 -5.57
N ASP B 82 2.24 -2.91 -4.74
CA ASP B 82 3.49 -2.35 -5.24
C ASP B 82 4.23 -3.36 -6.10
N MET B 83 4.37 -4.60 -5.61
CA MET B 83 5.10 -5.61 -6.37
C MET B 83 4.42 -5.91 -7.71
N THR B 84 3.09 -5.86 -7.75
CA THR B 84 2.39 -6.07 -9.02
C THR B 84 2.78 -4.99 -10.03
N LEU B 85 2.79 -3.73 -9.61
CA LEU B 85 3.26 -2.67 -10.49
C LEU B 85 4.73 -2.83 -10.84
N HIS B 86 5.52 -3.41 -9.94
CA HIS B 86 6.91 -3.70 -10.24
C HIS B 86 7.01 -4.66 -11.41
N PHE B 87 6.24 -5.75 -11.38
CA PHE B 87 6.26 -6.70 -12.49
C PHE B 87 5.79 -6.04 -13.78
N LEU B 88 4.68 -5.29 -13.72
CA LEU B 88 4.15 -4.66 -14.93
C LEU B 88 5.15 -3.71 -15.55
N ALA B 89 5.89 -2.98 -14.72
CA ALA B 89 6.88 -2.03 -15.24
C ALA B 89 8.09 -2.76 -15.80
N ARG B 90 8.69 -3.66 -15.01
CA ARG B 90 9.93 -4.31 -15.43
C ARG B 90 9.72 -5.21 -16.65
N TYR B 91 8.52 -5.74 -16.84
CA TYR B 91 8.22 -6.60 -17.97
C TYR B 91 7.54 -5.84 -19.11
N ASN B 92 7.33 -4.53 -18.98
CA ASN B 92 6.82 -3.69 -20.06
C ASN B 92 5.44 -4.16 -20.52
N ILE B 93 4.60 -4.52 -19.54
CA ILE B 93 3.32 -5.16 -19.86
C ILE B 93 2.28 -4.13 -20.29
N PHE B 94 2.33 -2.91 -19.77
CA PHE B 94 1.46 -1.83 -20.26
C PHE B 94 1.55 -1.70 -21.77
N ASP B 95 2.77 -1.66 -22.31
CA ASP B 95 2.94 -1.50 -23.75
C ASP B 95 2.58 -2.78 -24.50
N ALA B 96 2.74 -3.94 -23.87
CA ALA B 96 2.49 -5.20 -24.55
C ALA B 96 1.01 -5.49 -24.70
N VAL B 97 0.17 -4.97 -23.83
CA VAL B 97 -1.29 -5.15 -23.92
C VAL B 97 -1.83 -4.05 -24.83
N PRO B 98 -2.49 -4.40 -25.94
CA PRO B 98 -3.04 -3.36 -26.82
C PRO B 98 -4.09 -2.53 -26.11
N ARG B 99 -4.08 -1.22 -26.40
CA ARG B 99 -4.96 -0.29 -25.72
C ARG B 99 -6.43 -0.66 -25.90
N ASP B 100 -6.85 -0.96 -27.13
CA ASP B 100 -8.26 -1.07 -27.45
C ASP B 100 -8.72 -2.47 -27.82
N GLU B 101 -7.92 -3.50 -27.57
CA GLU B 101 -8.32 -4.85 -27.93
C GLU B 101 -7.71 -5.81 -26.90
N PRO B 102 -8.42 -6.88 -26.54
CA PRO B 102 -7.85 -7.85 -25.60
C PRO B 102 -6.73 -8.67 -26.23
N ILE B 103 -5.94 -9.27 -25.34
CA ILE B 103 -4.87 -10.19 -25.71
C ILE B 103 -4.89 -11.38 -24.76
N SER B 104 -4.60 -12.56 -25.27
CA SER B 104 -4.61 -13.75 -24.44
C SER B 104 -3.35 -13.81 -23.58
N TYR B 105 -3.45 -14.54 -22.47
CA TYR B 105 -2.29 -14.76 -21.60
C TYR B 105 -1.15 -15.42 -22.37
N ALA B 106 -1.48 -16.40 -23.23
CA ALA B 106 -0.45 -17.12 -23.97
C ALA B 106 0.34 -16.17 -24.87
N GLU B 107 -0.36 -15.30 -25.61
CA GLU B 107 0.35 -14.36 -26.48
C GLU B 107 1.09 -13.32 -25.65
N LEU B 108 0.46 -12.81 -24.59
CA LEU B 108 1.13 -11.83 -23.73
C LEU B 108 2.35 -12.44 -23.06
N SER B 109 2.28 -13.73 -22.70
CA SER B 109 3.42 -14.40 -22.08
C SER B 109 4.61 -14.43 -23.02
N LYS B 110 4.39 -14.73 -24.30
CA LYS B 110 5.49 -14.77 -25.26
C LYS B 110 6.04 -13.37 -25.53
N LYS B 111 5.19 -12.36 -25.53
CA LYS B 111 5.65 -11.01 -25.87
C LYS B 111 6.57 -10.44 -24.80
N VAL B 112 6.29 -10.73 -23.52
CA VAL B 112 7.07 -10.13 -22.43
C VAL B 112 8.07 -11.10 -21.82
N GLY B 113 8.00 -12.38 -22.15
CA GLY B 113 8.94 -13.33 -21.59
C GLY B 113 8.71 -13.62 -20.12
N LEU B 114 7.45 -13.67 -19.69
CA LEU B 114 7.08 -14.08 -18.35
C LEU B 114 6.18 -15.31 -18.49
N ALA B 115 6.59 -16.41 -17.87
CA ALA B 115 5.84 -17.65 -17.99
C ALA B 115 4.36 -17.43 -17.69
N GLU B 116 3.51 -18.10 -18.47
CA GLU B 116 2.09 -17.79 -18.46
C GLU B 116 1.47 -18.02 -17.08
N HIS B 117 1.90 -19.07 -16.38
CA HIS B 117 1.31 -19.37 -15.08
C HIS B 117 1.56 -18.25 -14.08
N ARG B 118 2.80 -17.75 -14.02
CA ARG B 118 3.11 -16.63 -13.15
C ARG B 118 2.51 -15.34 -13.67
N LEU B 119 2.47 -15.16 -14.99
CA LEU B 119 1.84 -13.98 -15.57
C LEU B 119 0.38 -13.86 -15.14
N ARG B 120 -0.35 -14.97 -15.15
CA ARG B 120 -1.76 -14.94 -14.73
C ARG B 120 -1.91 -14.47 -13.30
N ARG B 121 -1.03 -14.94 -12.41
CA ARG B 121 -1.10 -14.54 -11.02
C ARG B 121 -0.83 -13.04 -10.86
N ILE B 122 0.17 -12.52 -11.58
CA ILE B 122 0.50 -11.10 -11.51
C ILE B 122 -0.70 -10.27 -11.95
N MET B 123 -1.27 -10.60 -13.12
CA MET B 123 -2.39 -9.81 -13.64
C MET B 123 -3.59 -9.87 -12.70
N SER B 124 -3.86 -11.03 -12.11
CA SER B 124 -5.03 -11.18 -11.26
C SER B 124 -4.97 -10.22 -10.07
N MET B 125 -3.78 -9.98 -9.54
CA MET B 125 -3.65 -9.01 -8.45
C MET B 125 -3.94 -7.60 -8.95
N ALA B 126 -3.39 -7.26 -10.14
CA ALA B 126 -3.64 -5.96 -10.74
C ALA B 126 -5.13 -5.69 -10.94
N TYR B 127 -5.89 -6.71 -11.33
CA TYR B 127 -7.33 -6.52 -11.57
C TYR B 127 -8.02 -5.95 -10.34
N THR B 128 -7.62 -6.39 -9.15
CA THR B 128 -8.33 -6.00 -7.94
C THR B 128 -8.16 -4.52 -7.60
N GLN B 129 -7.10 -3.88 -8.11
CA GLN B 129 -6.95 -2.44 -8.00
C GLN B 129 -7.27 -1.73 -9.29
N HIS B 130 -8.04 -2.38 -10.18
CA HIS B 130 -8.55 -1.79 -11.41
C HIS B 130 -7.43 -1.38 -12.36
N TYR B 131 -6.31 -2.08 -12.28
CA TYR B 131 -5.27 -2.02 -13.30
C TYR B 131 -5.43 -3.26 -14.19
N PHE B 132 -5.79 -3.03 -15.45
CA PHE B 132 -6.16 -4.09 -16.38
C PHE B 132 -7.43 -4.81 -15.93
N CYS B 133 -8.01 -5.59 -16.85
CA CYS B 133 -9.16 -6.42 -16.54
C CYS B 133 -9.09 -7.66 -17.42
N THR B 134 -9.95 -8.63 -17.12
CA THR B 134 -10.09 -9.83 -17.95
C THR B 134 -11.49 -9.84 -18.55
N PRO B 135 -11.65 -9.48 -19.83
CA PRO B 135 -13.00 -9.40 -20.40
C PRO B 135 -13.59 -10.75 -20.75
N LYS B 136 -12.76 -11.77 -20.93
CA LYS B 136 -13.22 -13.12 -21.22
C LYS B 136 -12.14 -14.08 -20.72
N PRO B 137 -12.50 -15.34 -20.47
CA PRO B 137 -11.52 -16.29 -19.90
C PRO B 137 -10.25 -16.38 -20.72
N GLY B 138 -9.11 -16.23 -20.05
CA GLY B 138 -7.82 -16.30 -20.70
C GLY B 138 -7.36 -15.05 -21.41
N PHE B 139 -7.99 -13.90 -21.17
CA PHE B 139 -7.69 -12.69 -21.92
C PHE B 139 -7.49 -11.50 -21.00
N VAL B 140 -6.61 -10.59 -21.42
CA VAL B 140 -6.27 -9.38 -20.68
C VAL B 140 -6.65 -8.18 -21.52
N ALA B 141 -7.21 -7.15 -20.87
CA ALA B 141 -7.47 -5.87 -21.52
C ALA B 141 -7.05 -4.74 -20.59
N HIS B 142 -6.83 -3.57 -21.18
CA HIS B 142 -6.48 -2.39 -20.41
C HIS B 142 -7.70 -1.83 -19.68
N THR B 143 -7.44 -1.12 -18.59
CA THR B 143 -8.39 -0.19 -18.00
C THR B 143 -7.87 1.23 -18.17
N SER B 144 -8.65 2.19 -17.69
CA SER B 144 -8.21 3.59 -17.72
C SER B 144 -6.93 3.77 -16.89
N ASN B 145 -6.87 3.12 -15.72
CA ASN B 145 -5.71 3.28 -14.85
C ASN B 145 -4.44 2.70 -15.45
N SER B 146 -4.57 1.64 -16.26
CA SER B 146 -3.39 1.06 -16.89
C SER B 146 -3.08 1.69 -18.25
N ALA B 147 -4.10 2.15 -18.96
CA ALA B 147 -3.87 2.73 -20.29
C ALA B 147 -3.09 4.03 -20.22
N MET B 148 -3.24 4.80 -19.13
CA MET B 148 -2.50 6.05 -18.99
C MET B 148 -0.99 5.84 -19.04
N ALA B 149 -0.51 4.64 -18.70
CA ALA B 149 0.91 4.35 -18.71
C ALA B 149 1.40 3.80 -20.05
N ILE B 150 0.50 3.60 -21.02
CA ILE B 150 0.91 3.08 -22.32
C ILE B 150 1.82 4.06 -23.02
N GLY B 151 2.99 3.58 -23.44
CA GLY B 151 3.94 4.40 -24.18
C GLY B 151 4.51 5.55 -23.39
N ASP B 152 4.36 5.53 -22.07
CA ASP B 152 4.84 6.60 -21.21
C ASP B 152 5.96 6.08 -20.31
N PRO B 153 7.23 6.28 -20.66
CA PRO B 153 8.31 5.87 -19.77
C PRO B 153 8.37 6.66 -18.48
N LEU B 154 7.74 7.84 -18.44
CA LEU B 154 7.71 8.61 -17.19
C LEU B 154 6.88 7.89 -16.13
N ALA B 155 5.79 7.24 -16.52
CA ALA B 155 5.00 6.44 -15.58
C ALA B 155 5.83 5.28 -15.05
N LEU B 156 6.52 4.57 -15.95
CA LEU B 156 7.37 3.45 -15.54
C LEU B 156 8.50 3.93 -14.65
N ALA B 157 9.03 5.12 -14.92
CA ALA B 157 10.07 5.69 -14.06
C ALA B 157 9.56 5.87 -12.63
N TRP B 158 8.31 6.32 -12.49
CA TRP B 158 7.75 6.55 -11.16
C TRP B 158 7.55 5.24 -10.41
N ILE B 159 7.11 4.19 -11.12
CA ILE B 159 6.99 2.87 -10.49
C ILE B 159 8.36 2.39 -10.01
N LEU B 160 9.35 2.44 -10.91
CA LEU B 160 10.65 1.83 -10.60
C LEU B 160 11.43 2.64 -9.58
N HIS B 161 11.32 3.98 -9.63
CA HIS B 161 12.04 4.81 -8.67
C HIS B 161 11.59 4.53 -7.24
N ASN B 162 10.30 4.24 -7.05
CA ASN B 162 9.80 4.03 -5.70
C ASN B 162 10.06 2.60 -5.22
N ILE B 163 9.87 1.61 -6.09
CA ILE B 163 9.98 0.22 -5.66
C ILE B 163 11.43 -0.26 -5.65
N GLU B 164 12.29 0.31 -6.49
CA GLU B 164 13.68 -0.12 -6.58
C GLU B 164 14.67 0.81 -5.88
N GLU B 165 14.22 1.95 -5.37
CA GLU B 165 15.13 2.87 -4.71
C GLU B 165 14.59 3.40 -3.40
N VAL B 166 13.53 4.22 -3.45
CA VAL B 166 13.02 4.87 -2.23
C VAL B 166 12.63 3.83 -1.19
N GLN B 167 11.85 2.83 -1.60
CA GLN B 167 11.32 1.88 -0.63
C GLN B 167 12.39 0.97 -0.06
N PRO B 168 13.17 0.23 -0.86
CA PRO B 168 14.16 -0.67 -0.23
C PRO B 168 15.32 0.04 0.43
N TRP B 169 15.77 1.18 -0.09
CA TRP B 169 16.96 1.84 0.44
C TRP B 169 16.66 2.83 1.54
N TYR B 170 15.46 3.40 1.59
CA TYR B 170 15.22 4.53 2.47
C TYR B 170 14.02 4.32 3.39
N SER B 171 12.82 4.14 2.83
CA SER B 171 11.63 4.07 3.66
C SER B 171 11.60 2.78 4.49
N ASN B 172 12.11 1.68 3.95
N ASN B 172 12.11 1.67 3.96
CA ASN B 172 12.22 0.44 4.71
CA ASN B 172 12.17 0.45 4.76
C ASN B 172 13.11 0.63 5.94
C ASN B 172 13.21 0.52 5.87
N LYS B 173 14.15 1.46 5.81
CA LYS B 173 15.17 1.61 6.83
C LYS B 173 14.99 2.87 7.67
N LEU B 174 13.88 3.59 7.47
CA LEU B 174 13.68 4.87 8.15
C LEU B 174 13.54 4.71 9.66
N VAL B 175 12.93 3.61 10.12
CA VAL B 175 12.87 3.35 11.56
C VAL B 175 14.28 3.18 12.13
N ASP B 176 15.08 2.32 11.50
CA ASP B 176 16.47 2.15 11.92
C ASP B 176 17.23 3.47 11.85
N ALA B 177 17.00 4.25 10.80
CA ALA B 177 17.63 5.56 10.70
C ALA B 177 17.24 6.45 11.86
N THR B 178 15.97 6.41 12.26
CA THR B 178 15.50 7.26 13.35
C THR B 178 16.10 6.85 14.69
N MET B 179 16.27 5.55 14.93
CA MET B 179 16.84 5.12 16.21
C MET B 179 18.34 5.28 16.27
N LYS B 180 19.03 5.39 15.12
CA LYS B 180 20.46 5.57 15.10
C LYS B 180 20.88 7.03 15.19
N TRP B 181 20.16 7.91 14.50
CA TRP B 181 20.55 9.31 14.46
C TRP B 181 19.52 10.26 15.08
N GLY B 182 18.29 9.79 15.33
CA GLY B 182 17.25 10.65 15.85
C GLY B 182 16.50 11.40 14.76
N ASP B 183 15.72 12.39 15.20
CA ASP B 183 14.90 13.24 14.34
C ASP B 183 15.81 14.24 13.61
N SER B 184 16.36 13.80 12.49
CA SER B 184 17.39 14.52 11.78
C SER B 184 16.85 15.38 10.64
N ILE B 185 17.64 16.39 10.27
CA ILE B 185 17.49 17.14 9.03
C ILE B 185 18.73 17.01 8.16
N ASP B 186 19.60 16.05 8.48
CA ASP B 186 20.85 15.84 7.78
C ASP B 186 20.69 14.79 6.70
N PRO B 187 21.00 15.08 5.44
CA PRO B 187 20.87 14.07 4.38
C PRO B 187 21.80 12.87 4.56
N LYS B 188 22.79 12.97 5.44
CA LYS B 188 23.65 11.82 5.71
C LYS B 188 22.93 10.76 6.55
N HIS B 189 21.90 11.16 7.30
CA HIS B 189 21.23 10.26 8.23
C HIS B 189 20.09 9.53 7.53
N THR B 190 20.48 8.67 6.59
CA THR B 190 19.52 7.95 5.77
C THR B 190 19.93 6.50 5.66
N GLY B 191 19.00 5.67 5.20
CA GLY B 191 19.13 4.24 5.12
C GLY B 191 20.46 3.68 4.66
N PRO B 192 20.93 4.08 3.47
CA PRO B 192 22.16 3.48 2.93
C PRO B 192 23.38 3.68 3.78
N ASN B 193 23.34 4.56 4.79
CA ASN B 193 24.50 4.84 5.62
C ASN B 193 24.36 4.24 7.02
N LEU B 194 23.43 3.32 7.21
CA LEU B 194 23.24 2.73 8.53
C LEU B 194 24.47 1.94 8.97
N ASN B 195 25.18 1.34 8.06
CA ASN B 195 26.34 0.61 8.42
C ASN B 195 27.58 1.10 7.73
N ALA B 196 27.62 2.37 7.43
CA ALA B 196 28.75 2.95 6.80
C ALA B 196 29.72 3.43 7.85
N LYS B 197 31.00 3.30 7.56
CA LYS B 197 31.97 3.82 8.47
C LYS B 197 31.92 5.31 8.33
N PRO B 198 31.97 5.96 9.46
CA PRO B 198 31.94 7.42 9.51
C PRO B 198 32.97 8.05 8.58
N GLY B 199 32.48 8.93 7.71
CA GLY B 199 33.29 9.53 6.67
C GLY B 199 33.01 8.98 5.29
N GLU B 200 32.48 7.76 5.20
CA GLU B 200 32.21 7.11 3.93
C GLU B 200 30.72 7.06 3.59
N GLU B 201 29.92 7.95 4.18
CA GLU B 201 28.51 8.01 3.85
C GLU B 201 28.29 8.53 2.44
N LYS B 202 27.24 8.04 1.79
CA LYS B 202 26.84 8.52 0.47
C LYS B 202 25.47 9.20 0.58
N LEU B 203 25.32 10.32 -0.11
CA LEU B 203 24.06 11.04 -0.12
C LEU B 203 23.18 10.54 -1.27
N PHE B 204 21.87 10.73 -1.12
CA PHE B 204 20.92 10.26 -2.12
C PHE B 204 21.23 10.83 -3.50
N TYR B 205 21.42 12.15 -3.57
CA TYR B 205 21.71 12.77 -4.86
C TYR B 205 23.11 12.43 -5.39
N GLU B 206 24.03 12.03 -4.51
CA GLU B 206 25.31 11.51 -4.98
C GLU B 206 25.11 10.18 -5.70
N ILE B 207 24.33 9.28 -5.10
CA ILE B 207 24.03 7.99 -5.74
C ILE B 207 23.32 8.22 -7.07
N MET B 208 22.40 9.17 -7.12
CA MET B 208 21.64 9.43 -8.34
C MET B 208 22.56 9.81 -9.49
N GLU B 209 23.48 10.75 -9.26
CA GLU B 209 24.29 11.29 -10.34
C GLU B 209 25.58 10.52 -10.60
N GLU B 210 26.03 9.69 -9.65
CA GLU B 210 27.33 9.04 -9.82
C GLU B 210 27.25 7.57 -10.22
N ASP B 211 26.18 6.87 -9.84
CA ASP B 211 26.06 5.47 -10.23
C ASP B 211 25.97 5.35 -11.75
N ASP B 212 26.77 4.46 -12.32
CA ASP B 212 26.79 4.24 -13.76
C ASP B 212 26.44 2.82 -14.17
N GLN B 213 26.12 1.94 -13.21
CA GLN B 213 25.82 0.55 -13.49
C GLN B 213 24.35 0.39 -13.87
N GLY B 214 24.01 0.91 -15.04
CA GLY B 214 22.65 0.82 -15.51
C GLY B 214 22.41 1.72 -16.70
N GLU B 215 21.13 1.83 -17.06
CA GLU B 215 20.69 2.57 -18.24
C GLU B 215 19.23 2.91 -18.05
N TRP B 216 18.81 4.06 -18.59
CA TRP B 216 17.41 4.44 -18.49
C TRP B 216 17.04 5.44 -19.59
N ASN B 217 16.05 5.06 -20.40
CA ASN B 217 15.32 5.97 -21.31
C ASN B 217 16.26 6.95 -22.03
N GLY B 218 17.28 6.41 -22.67
CA GLY B 218 18.17 7.20 -23.50
C GLY B 218 19.45 7.64 -22.82
N VAL B 219 19.62 7.39 -21.53
CA VAL B 219 20.83 7.75 -20.81
C VAL B 219 21.50 6.46 -20.35
N LYS B 220 22.73 6.25 -20.79
CA LYS B 220 23.51 5.07 -20.48
C LYS B 220 24.69 5.47 -19.59
N GLY B 221 24.91 4.71 -18.52
CA GLY B 221 26.04 4.98 -17.65
C GLY B 221 25.77 6.00 -16.55
N LYS B 222 26.76 6.84 -16.29
CA LYS B 222 26.73 7.77 -15.15
C LYS B 222 25.46 8.62 -15.16
N GLY B 223 24.77 8.61 -14.02
CA GLY B 223 23.62 9.47 -13.82
C GLY B 223 22.30 8.93 -14.31
N PHE B 224 22.25 7.67 -14.77
CA PHE B 224 21.00 7.13 -15.28
C PHE B 224 19.89 7.16 -14.24
N ARG B 225 20.23 7.02 -12.95
CA ARG B 225 19.21 7.13 -11.91
C ARG B 225 18.70 8.56 -11.77
N LEU B 226 19.59 9.55 -11.89
CA LEU B 226 19.16 10.94 -11.85
C LEU B 226 18.30 11.29 -13.06
N TRP B 227 18.63 10.74 -14.22
CA TRP B 227 17.79 10.94 -15.40
C TRP B 227 16.41 10.32 -15.19
N ARG B 228 16.35 9.11 -14.62
CA ARG B 228 15.06 8.53 -14.28
C ARG B 228 14.33 9.37 -13.25
N LEU B 229 15.06 9.91 -12.27
CA LEU B 229 14.45 10.81 -11.30
C LEU B 229 13.85 12.02 -12.00
N TYR B 230 14.58 12.60 -12.96
CA TYR B 230 14.05 13.73 -13.71
C TYR B 230 12.79 13.33 -14.49
N ASP B 231 12.76 12.10 -15.02
CA ASP B 231 11.56 11.62 -15.70
C ASP B 231 10.35 11.62 -14.76
N THR B 232 10.55 11.18 -13.51
CA THR B 232 9.42 11.17 -12.57
C THR B 232 8.99 12.58 -12.20
N ASP B 233 9.92 13.55 -12.23
CA ASP B 233 9.54 14.94 -12.02
C ASP B 233 8.65 15.43 -13.16
N LYS B 234 9.01 15.10 -14.41
CA LYS B 234 8.14 15.41 -15.54
C LYS B 234 6.80 14.70 -15.43
N PHE B 235 6.80 13.46 -14.91
CA PHE B 235 5.57 12.68 -14.84
C PHE B 235 4.49 13.41 -14.04
N PHE B 236 4.88 14.08 -12.95
CA PHE B 236 3.90 14.82 -12.17
C PHE B 236 3.52 16.15 -12.79
N GLY B 237 4.26 16.59 -13.81
CA GLY B 237 3.91 17.82 -14.51
C GLY B 237 2.90 17.62 -15.62
N THR B 238 2.87 16.43 -16.24
CA THR B 238 2.06 16.22 -17.43
C THR B 238 0.57 16.02 -17.14
N GLY B 239 0.21 15.70 -15.90
CA GLY B 239 -1.18 15.42 -15.59
C GLY B 239 -1.36 15.18 -14.11
N GLY B 240 -2.61 15.24 -13.67
CA GLY B 240 -2.95 14.99 -12.29
C GLY B 240 -2.89 16.22 -11.40
N ALA B 241 -2.83 15.95 -10.09
CA ALA B 241 -2.99 16.97 -9.06
C ALA B 241 -2.05 18.16 -9.25
N ILE B 242 -0.76 17.90 -9.50
CA ILE B 242 0.22 18.98 -9.57
C ILE B 242 0.66 19.22 -11.01
N LYS B 243 -0.24 19.00 -11.97
CA LYS B 243 0.08 19.22 -13.37
C LYS B 243 0.58 20.66 -13.60
N GLY B 244 1.51 20.80 -14.53
CA GLY B 244 2.13 22.10 -14.77
C GLY B 244 1.15 23.19 -15.16
N THR B 245 0.09 22.85 -15.90
CA THR B 245 -0.83 23.88 -16.38
C THR B 245 -1.58 24.56 -15.24
N ASN B 246 -1.68 23.94 -14.06
CA ASN B 246 -2.29 24.61 -12.92
C ASN B 246 -1.49 25.83 -12.49
N LEU B 247 -0.21 25.91 -12.84
CA LEU B 247 0.55 27.14 -12.62
C LEU B 247 -0.11 28.32 -13.32
N LEU B 248 -0.62 28.11 -14.54
CA LEU B 248 -1.26 29.17 -15.29
C LEU B 248 -2.50 29.70 -14.60
N ARG B 249 -3.09 28.94 -13.68
CA ARG B 249 -4.30 29.33 -12.98
C ARG B 249 -4.04 29.97 -11.62
N ALA B 250 -2.82 29.89 -11.11
CA ALA B 250 -2.50 30.38 -9.78
C ALA B 250 -1.67 31.65 -9.78
N PHE B 251 -1.33 32.17 -10.95
CA PHE B 251 -0.55 33.40 -11.05
C PHE B 251 -0.76 34.01 -12.43
N ASP B 252 -0.85 35.34 -12.48
CA ASP B 252 -1.12 36.05 -13.72
C ASP B 252 0.18 36.20 -14.52
N TRP B 253 0.57 35.09 -15.16
CA TRP B 253 1.80 35.09 -15.95
C TRP B 253 1.69 36.05 -17.12
N GLY B 254 0.54 36.08 -17.80
CA GLY B 254 0.36 37.00 -18.91
C GLY B 254 0.45 38.45 -18.51
N GLY B 255 0.12 38.77 -17.26
CA GLY B 255 0.23 40.13 -16.77
C GLY B 255 1.64 40.67 -16.69
N LEU B 256 2.65 39.80 -16.76
CA LEU B 256 4.04 40.25 -16.68
C LEU B 256 4.50 40.96 -17.95
N GLY B 257 3.84 40.72 -19.08
CA GLY B 257 4.32 41.30 -20.32
C GLY B 257 5.64 40.68 -20.74
N LYS B 258 6.44 41.45 -21.46
CA LYS B 258 7.80 41.03 -21.78
C LYS B 258 8.62 41.01 -20.49
N ALA B 259 9.03 39.81 -20.09
CA ALA B 259 9.63 39.62 -18.78
C ALA B 259 10.55 38.41 -18.81
N THR B 260 11.45 38.34 -17.84
CA THR B 260 12.38 37.24 -17.71
C THR B 260 12.15 36.55 -16.38
N VAL B 261 11.96 35.23 -16.43
CA VAL B 261 11.79 34.40 -15.25
C VAL B 261 13.04 33.57 -15.07
N VAL B 262 13.59 33.56 -13.86
CA VAL B 262 14.73 32.74 -13.51
C VAL B 262 14.21 31.53 -12.76
N ASP B 263 14.36 30.35 -13.36
CA ASP B 263 13.84 29.10 -12.80
C ASP B 263 14.97 28.42 -12.03
N ILE B 264 15.04 28.70 -10.74
CA ILE B 264 16.10 28.15 -9.90
C ILE B 264 15.75 26.72 -9.55
N GLY B 265 16.61 25.78 -9.95
CA GLY B 265 16.35 24.38 -9.70
C GLY B 265 15.28 23.78 -10.59
N GLY B 266 15.19 24.24 -11.84
CA GLY B 266 14.10 23.87 -12.71
C GLY B 266 14.23 22.54 -13.42
N ILE B 267 15.04 21.63 -12.84
CA ILE B 267 15.17 20.27 -13.36
C ILE B 267 15.58 20.30 -14.83
N THR B 268 14.68 19.87 -15.72
CA THR B 268 14.91 19.88 -17.15
C THR B 268 14.17 21.00 -17.87
N GLY B 269 13.47 21.86 -17.14
CA GLY B 269 12.77 22.96 -17.75
C GLY B 269 11.41 22.63 -18.29
N HIS B 270 10.85 21.47 -17.94
CA HIS B 270 9.53 21.10 -18.43
C HIS B 270 8.47 22.06 -17.90
N LEU B 271 8.62 22.52 -16.66
CA LEU B 271 7.68 23.47 -16.09
C LEU B 271 7.83 24.83 -16.77
N ALA B 272 9.08 25.28 -16.94
CA ALA B 272 9.32 26.51 -17.69
C ALA B 272 8.77 26.42 -19.10
N SER B 273 8.95 25.27 -19.74
CA SER B 273 8.43 25.08 -21.10
C SER B 273 6.91 25.20 -21.13
N THR B 274 6.23 24.72 -20.09
CA THR B 274 4.77 24.79 -20.06
C THR B 274 4.30 26.23 -19.98
N VAL B 275 4.87 27.01 -19.06
CA VAL B 275 4.44 28.39 -18.89
C VAL B 275 4.83 29.23 -20.10
N ALA B 276 6.01 28.96 -20.67
CA ALA B 276 6.49 29.79 -21.78
C ALA B 276 5.70 29.54 -23.07
N LEU B 277 5.29 28.28 -23.31
CA LEU B 277 4.46 28.00 -24.47
C LEU B 277 3.16 28.79 -24.44
N ALA B 278 2.58 28.94 -23.25
CA ALA B 278 1.31 29.65 -23.10
C ALA B 278 1.48 31.16 -22.99
N ASN B 279 2.70 31.66 -22.80
CA ASN B 279 2.96 33.08 -22.61
C ASN B 279 4.13 33.47 -23.51
N PRO B 280 3.85 33.89 -24.75
CA PRO B 280 4.94 34.14 -25.71
C PRO B 280 5.87 35.29 -25.35
N ASP B 281 5.51 36.13 -24.39
CA ASP B 281 6.34 37.29 -24.05
C ASP B 281 7.30 37.02 -22.90
N LEU B 282 7.38 35.79 -22.40
CA LEU B 282 8.24 35.48 -21.27
C LEU B 282 9.52 34.79 -21.73
N THR B 283 10.62 35.13 -21.07
CA THR B 283 11.90 34.42 -21.19
C THR B 283 12.14 33.64 -19.91
N PHE B 284 12.61 32.40 -20.04
CA PHE B 284 12.92 31.56 -18.89
C PHE B 284 14.39 31.16 -18.93
N ILE B 285 15.09 31.42 -17.83
CA ILE B 285 16.44 30.91 -17.61
C ILE B 285 16.34 29.78 -16.61
N VAL B 286 16.52 28.56 -17.08
CA VAL B 286 16.47 27.37 -16.22
C VAL B 286 17.85 27.15 -15.62
N GLN B 287 17.94 27.28 -14.30
CA GLN B 287 19.19 27.13 -13.58
C GLN B 287 19.21 25.80 -12.85
N GLU B 288 20.22 24.98 -13.12
CA GLU B 288 20.31 23.64 -12.58
C GLU B 288 21.75 23.19 -12.64
N ARG B 289 22.12 22.31 -11.71
CA ARG B 289 23.44 21.72 -11.70
C ARG B 289 23.65 20.87 -12.95
N ASN B 290 24.82 21.02 -13.57
CA ASN B 290 25.08 20.34 -14.83
C ASN B 290 25.37 18.86 -14.61
N GLN B 291 25.14 18.09 -15.66
CA GLN B 291 25.41 16.65 -15.71
C GLN B 291 25.98 16.35 -17.09
N PRO B 292 26.74 15.25 -17.22
CA PRO B 292 27.36 14.95 -18.53
C PRO B 292 26.36 14.82 -19.66
N TRP B 293 25.16 14.33 -19.39
CA TRP B 293 24.13 14.12 -20.38
C TRP B 293 23.10 15.25 -20.43
N TYR B 294 23.23 16.25 -19.57
CA TYR B 294 22.15 17.22 -19.37
C TYR B 294 21.92 18.07 -20.61
N GLU B 295 22.97 18.72 -21.12
CA GLU B 295 22.78 19.71 -22.16
C GLU B 295 22.22 19.10 -23.44
N LYS B 296 22.70 17.90 -23.80
CA LYS B 296 22.18 17.26 -25.00
C LYS B 296 20.71 16.86 -24.81
N GLN B 297 20.36 16.35 -23.64
CA GLN B 297 18.97 15.99 -23.39
C GLN B 297 18.11 17.22 -23.21
N PHE B 298 18.65 18.28 -22.61
CA PHE B 298 17.86 19.49 -22.40
C PHE B 298 17.35 20.03 -23.74
N TYR B 299 18.21 20.08 -24.74
CA TYR B 299 17.86 20.67 -26.02
C TYR B 299 17.17 19.72 -26.98
N GLU B 300 17.24 18.40 -26.74
CA GLU B 300 16.47 17.49 -27.57
C GLU B 300 14.98 17.55 -27.25
N GLN B 301 14.64 17.73 -25.97
CA GLN B 301 13.26 17.67 -25.51
C GLN B 301 12.52 19.02 -25.45
N LEU B 302 13.19 20.18 -25.52
CA LEU B 302 12.42 21.43 -25.42
C LEU B 302 11.74 21.71 -26.77
N PRO B 303 10.47 22.12 -26.76
CA PRO B 303 9.75 22.37 -28.02
C PRO B 303 10.42 23.44 -28.88
N ALA B 304 10.58 23.14 -30.17
CA ALA B 304 11.28 24.07 -31.07
C ALA B 304 10.55 25.40 -31.23
N GLU B 305 9.21 25.40 -31.15
CA GLU B 305 8.44 26.65 -31.26
C GLU B 305 8.77 27.66 -30.18
N LEU B 306 9.55 27.29 -29.17
CA LEU B 306 9.91 28.24 -28.12
C LEU B 306 10.96 29.24 -28.60
N ASN B 307 11.67 28.93 -29.69
CA ASN B 307 12.64 29.84 -30.32
C ASN B 307 13.67 30.35 -29.32
N GLY B 308 14.17 29.44 -28.47
CA GLY B 308 15.21 29.79 -27.52
C GLY B 308 14.77 30.61 -26.33
N ARG B 309 13.48 30.88 -26.19
CA ARG B 309 13.00 31.65 -25.03
C ARG B 309 13.26 30.93 -23.71
N VAL B 310 13.38 29.60 -23.73
CA VAL B 310 13.77 28.81 -22.57
C VAL B 310 15.20 28.31 -22.82
N SER B 311 16.10 28.67 -21.91
CA SER B 311 17.51 28.34 -22.05
C SER B 311 18.03 27.78 -20.72
N TYR B 312 19.14 27.06 -20.80
CA TYR B 312 19.76 26.45 -19.64
C TYR B 312 21.01 27.22 -19.23
N MET B 313 21.10 27.54 -17.94
CA MET B 313 22.28 28.19 -17.37
C MET B 313 22.75 27.37 -16.17
N PRO B 314 23.93 26.74 -16.25
CA PRO B 314 24.44 26.01 -15.08
C PRO B 314 24.62 26.94 -13.89
N HIS B 315 24.21 26.47 -12.71
CA HIS B 315 24.21 27.33 -11.54
C HIS B 315 24.11 26.51 -10.27
N ASP B 316 24.85 26.94 -9.25
CA ASP B 316 24.74 26.41 -7.90
C ASP B 316 23.73 27.26 -7.14
N LYS B 317 22.63 26.65 -6.70
CA LYS B 317 21.56 27.38 -6.04
C LYS B 317 22.03 28.09 -4.77
N TYR B 318 23.12 27.66 -4.15
CA TYR B 318 23.63 28.33 -2.97
C TYR B 318 24.57 29.48 -3.29
N ALA B 319 25.01 29.59 -4.54
CA ALA B 319 25.97 30.61 -4.93
C ALA B 319 25.25 31.91 -5.31
N GLU B 320 26.03 32.93 -5.64
CA GLU B 320 25.45 34.20 -6.03
C GLU B 320 24.60 34.05 -7.28
N GLN B 321 23.41 34.64 -7.25
CA GLN B 321 22.51 34.61 -8.40
C GLN B 321 23.07 35.49 -9.49
N PRO B 322 23.44 34.93 -10.66
CA PRO B 322 24.08 35.75 -11.70
C PRO B 322 23.13 36.61 -12.52
N VAL B 323 21.81 36.39 -12.44
CA VAL B 323 20.84 37.17 -13.20
C VAL B 323 20.24 38.20 -12.26
N LYS B 324 20.54 39.46 -12.51
CA LYS B 324 20.16 40.56 -11.63
C LYS B 324 18.90 41.25 -12.15
N GLY B 325 18.00 41.60 -11.23
CA GLY B 325 16.83 42.38 -11.57
C GLY B 325 15.81 41.70 -12.46
N ALA B 326 15.76 40.37 -12.45
CA ALA B 326 14.75 39.67 -13.23
C ALA B 326 13.36 39.95 -12.67
N ASP B 327 12.35 39.74 -13.52
CA ASP B 327 10.98 40.02 -13.10
C ASP B 327 10.50 39.01 -12.06
N VAL B 328 10.85 37.74 -12.24
CA VAL B 328 10.43 36.68 -11.33
C VAL B 328 11.60 35.73 -11.11
N TYR B 329 11.83 35.39 -9.85
CA TYR B 329 12.73 34.30 -9.47
C TYR B 329 11.85 33.17 -8.95
N PHE B 330 11.87 32.02 -9.63
CA PHE B 330 10.87 30.99 -9.48
C PHE B 330 11.51 29.70 -9.02
N MET B 331 10.98 29.12 -7.94
CA MET B 331 11.45 27.85 -7.40
C MET B 331 10.27 26.93 -7.17
N SER B 332 10.24 25.80 -7.87
CA SER B 332 9.14 24.85 -7.77
C SER B 332 9.61 23.60 -7.02
N THR B 333 8.97 23.33 -5.88
CA THR B 333 9.27 22.17 -5.03
C THR B 333 10.77 22.02 -4.81
N VAL B 334 11.44 23.14 -4.56
CA VAL B 334 12.85 23.15 -4.22
C VAL B 334 13.06 23.24 -2.72
N LEU B 335 12.38 24.19 -2.07
CA LEU B 335 12.66 24.51 -0.68
C LEU B 335 12.19 23.43 0.30
N HIS B 336 11.26 22.55 -0.12
CA HIS B 336 10.85 21.50 0.79
C HIS B 336 11.92 20.43 0.97
N LYS B 337 13.00 20.49 0.21
CA LYS B 337 14.18 19.65 0.42
C LYS B 337 15.30 20.41 1.10
N GLU B 338 15.05 21.63 1.56
CA GLU B 338 16.09 22.47 2.15
C GLU B 338 15.73 22.82 3.59
N PRO B 339 16.52 22.39 4.58
CA PRO B 339 16.30 22.86 5.95
C PRO B 339 16.45 24.38 6.02
N ASP B 340 16.05 24.93 7.18
CA ASP B 340 15.93 26.38 7.33
C ASP B 340 17.21 27.10 6.92
N ASP B 341 18.36 26.60 7.37
CA ASP B 341 19.61 27.34 7.15
C ASP B 341 20.01 27.30 5.68
N LYS B 342 19.78 26.18 5.00
CA LYS B 342 20.05 26.12 3.57
C LYS B 342 19.04 26.96 2.78
N ALA B 343 17.76 26.92 3.18
CA ALA B 343 16.75 27.70 2.48
C ALA B 343 17.02 29.19 2.64
N ILE B 344 17.42 29.61 3.84
CA ILE B 344 17.73 31.03 4.07
C ILE B 344 18.89 31.46 3.19
N THR B 345 19.88 30.58 3.00
CA THR B 345 20.98 30.87 2.10
C THR B 345 20.48 31.10 0.67
N ILE B 346 19.60 30.22 0.19
CA ILE B 346 19.07 30.36 -1.16
C ILE B 346 18.23 31.63 -1.28
N LEU B 347 17.35 31.86 -0.31
CA LEU B 347 16.50 33.05 -0.35
C LEU B 347 17.32 34.33 -0.29
N ARG B 348 18.41 34.33 0.48
CA ARG B 348 19.23 35.54 0.53
C ARG B 348 20.00 35.76 -0.77
N ARG B 349 20.40 34.68 -1.45
CA ARG B 349 20.96 34.82 -2.78
C ARG B 349 19.96 35.48 -3.73
N CYS B 350 18.69 35.11 -3.63
CA CYS B 350 17.66 35.70 -4.48
C CYS B 350 17.44 37.17 -4.17
N VAL B 351 17.38 37.51 -2.89
CA VAL B 351 17.13 38.89 -2.48
C VAL B 351 18.22 39.82 -3.02
N GLU B 352 19.47 39.36 -2.99
CA GLU B 352 20.57 40.18 -3.47
C GLU B 352 20.39 40.57 -4.93
N ALA B 353 19.91 39.64 -5.75
CA ALA B 353 19.73 39.90 -7.17
C ALA B 353 18.42 40.62 -7.49
N MET B 354 17.49 40.69 -6.54
CA MET B 354 16.17 41.25 -6.81
C MET B 354 16.18 42.76 -6.77
N ASP B 355 15.37 43.37 -7.65
CA ASP B 355 15.01 44.77 -7.52
C ASP B 355 13.74 44.83 -6.68
N PRO B 356 13.78 45.37 -5.46
CA PRO B 356 12.60 45.32 -4.58
C PRO B 356 11.35 46.00 -5.16
N ASN B 357 11.49 46.80 -6.22
CA ASN B 357 10.37 47.52 -6.80
C ASN B 357 9.91 46.92 -8.12
N LYS B 358 10.57 45.86 -8.59
CA LYS B 358 10.31 45.25 -9.89
C LYS B 358 10.38 43.72 -9.89
N SER B 359 10.95 43.11 -8.86
CA SER B 359 11.14 41.67 -8.83
C SER B 359 10.14 41.02 -7.90
N ARG B 360 9.68 39.84 -8.30
CA ARG B 360 8.87 38.96 -7.49
C ARG B 360 9.65 37.68 -7.21
N LEU B 361 9.33 37.03 -6.09
CA LEU B 361 9.83 35.69 -5.80
C LEU B 361 8.63 34.77 -5.75
N LEU B 362 8.62 33.75 -6.60
CA LEU B 362 7.52 32.82 -6.71
C LEU B 362 8.01 31.42 -6.36
N THR B 363 7.31 30.78 -5.44
CA THR B 363 7.61 29.40 -5.06
C THR B 363 6.36 28.56 -5.18
N ARG B 364 6.52 27.34 -5.72
CA ARG B 364 5.50 26.31 -5.63
C ARG B 364 5.96 25.28 -4.62
N ASP B 365 5.21 25.14 -3.54
CA ASP B 365 5.53 24.19 -2.49
C ASP B 365 4.24 23.81 -1.79
N ILE B 366 4.29 22.70 -1.06
CA ILE B 366 3.14 22.29 -0.26
C ILE B 366 2.98 23.25 0.91
N VAL B 367 1.76 23.74 1.09
CA VAL B 367 1.37 24.44 2.31
C VAL B 367 0.52 23.44 3.11
N MET B 368 1.10 22.92 4.19
CA MET B 368 0.52 21.76 4.87
C MET B 368 -0.90 22.03 5.35
N ASP B 369 -1.17 23.24 5.85
CA ASP B 369 -2.51 23.59 6.28
C ASP B 369 -3.33 24.21 5.18
N GLY B 370 -2.81 24.25 3.95
CA GLY B 370 -3.61 24.65 2.80
C GLY B 370 -3.45 26.08 2.37
N GLY B 371 -3.48 26.31 1.05
CA GLY B 371 -3.48 27.64 0.49
C GLY B 371 -4.89 28.15 0.29
N ASP B 372 -4.99 29.24 -0.46
CA ASP B 372 -6.30 29.83 -0.72
C ASP B 372 -6.76 29.53 -2.14
N PRO B 373 -8.07 29.40 -2.36
CA PRO B 373 -8.57 29.15 -3.71
C PRO B 373 -8.44 30.40 -4.58
N PRO B 374 -8.48 30.23 -5.90
CA PRO B 374 -8.29 31.38 -6.80
C PRO B 374 -9.38 32.45 -6.80
N ALA B 375 -9.75 32.99 -5.63
CA ALA B 375 -10.67 34.13 -5.54
C ALA B 375 -12.08 33.87 -6.06
N GLU B 376 -12.23 33.49 -7.34
CA GLU B 376 -13.58 33.21 -7.84
C GLU B 376 -14.18 31.98 -7.19
N ASP B 377 -13.35 31.10 -6.62
CA ASP B 377 -13.81 29.90 -5.92
C ASP B 377 -13.92 30.10 -4.41
N ALA B 378 -13.65 31.30 -3.91
CA ALA B 378 -13.55 31.50 -2.46
C ALA B 378 -14.89 31.31 -1.76
N VAL B 379 -15.93 31.99 -2.25
CA VAL B 379 -17.23 31.91 -1.62
C VAL B 379 -17.86 30.54 -1.91
N ILE B 380 -18.34 29.88 -0.85
CA ILE B 380 -19.00 28.59 -0.99
C ILE B 380 -20.46 28.84 -1.35
N ASN B 381 -20.84 28.53 -2.59
CA ASN B 381 -22.19 28.79 -3.06
C ASN B 381 -23.12 27.61 -2.88
N GLY B 382 -22.63 26.48 -2.38
CA GLY B 382 -23.46 25.30 -2.26
C GLY B 382 -23.66 24.82 -0.84
N ARG B 383 -23.84 23.52 -0.69
CA ARG B 383 -24.01 22.92 0.63
C ARG B 383 -22.65 22.62 1.25
N ALA B 384 -22.57 22.76 2.57
CA ALA B 384 -21.31 22.51 3.27
C ALA B 384 -20.86 21.08 3.13
N ILE B 385 -21.81 20.14 3.02
CA ILE B 385 -21.49 18.72 2.95
C ILE B 385 -20.71 18.39 1.68
N ASN B 386 -20.78 19.25 0.66
CA ASN B 386 -20.11 19.02 -0.61
C ASN B 386 -18.85 19.85 -0.77
N SER B 387 -18.41 20.55 0.27
CA SER B 387 -17.22 21.37 0.15
C SER B 387 -16.41 21.48 1.44
N LYS B 388 -16.90 20.95 2.56
CA LYS B 388 -16.24 21.12 3.86
C LYS B 388 -16.36 19.84 4.67
N GLU B 389 -15.24 19.40 5.23
CA GLU B 389 -15.19 18.29 6.18
C GLU B 389 -14.95 18.88 7.57
N GLY B 390 -16.03 19.11 8.32
CA GLY B 390 -15.86 19.72 9.62
C GLY B 390 -15.36 21.14 9.43
N SER B 391 -14.27 21.47 10.12
CA SER B 391 -13.69 22.79 10.05
C SER B 391 -12.64 22.90 8.95
N TYR B 392 -12.39 21.84 8.19
CA TYR B 392 -11.34 21.82 7.19
C TYR B 392 -11.91 21.93 5.79
N GLU B 393 -11.13 22.54 4.91
CA GLU B 393 -11.48 22.57 3.49
C GLU B 393 -11.43 21.17 2.92
N ALA B 394 -12.28 20.92 1.92
CA ALA B 394 -12.35 19.62 1.27
C ALA B 394 -10.98 19.18 0.81
N GLY B 395 -10.63 17.93 1.12
CA GLY B 395 -9.31 17.41 0.84
C GLY B 395 -8.34 17.54 1.99
N LEU B 396 -8.61 18.41 2.95
CA LEU B 396 -7.76 18.59 4.11
C LEU B 396 -8.41 17.93 5.33
N GLY B 397 -7.80 18.13 6.50
CA GLY B 397 -8.22 17.44 7.69
C GLY B 397 -7.48 16.12 7.84
N PRO B 398 -7.63 15.48 9.00
CA PRO B 398 -6.80 14.29 9.30
C PRO B 398 -7.01 13.12 8.35
N THR B 399 -8.16 13.04 7.67
CA THR B 399 -8.39 11.98 6.68
C THR B 399 -8.56 12.55 5.28
N GLY B 400 -8.17 13.80 5.07
CA GLY B 400 -8.29 14.40 3.75
C GLY B 400 -7.38 13.73 2.74
N VAL B 401 -7.87 13.63 1.51
CA VAL B 401 -7.11 12.98 0.44
C VAL B 401 -5.90 13.83 0.05
N ILE B 402 -6.07 15.16 0.06
CA ILE B 402 -4.92 16.03 -0.23
C ILE B 402 -3.97 16.07 0.96
N THR B 403 -4.51 16.05 2.17
CA THR B 403 -3.68 15.84 3.36
C THR B 403 -2.83 14.60 3.21
N ARG B 404 -3.44 13.50 2.73
CA ARG B 404 -2.73 12.24 2.55
C ARG B 404 -1.60 12.39 1.54
N LEU B 405 -1.89 13.03 0.40
CA LEU B 405 -0.85 13.25 -0.60
C LEU B 405 0.26 14.14 -0.07
N ASN B 406 -0.10 15.19 0.68
CA ASN B 406 0.91 16.06 1.30
C ASN B 406 1.82 15.26 2.22
N ILE B 407 1.24 14.43 3.09
CA ILE B 407 2.05 13.63 4.00
C ILE B 407 2.92 12.65 3.21
N GLY B 408 2.38 12.07 2.14
CA GLY B 408 3.17 11.19 1.30
C GLY B 408 4.39 11.86 0.72
N ILE B 409 4.23 13.09 0.24
CA ILE B 409 5.38 13.85 -0.24
C ILE B 409 6.27 14.25 0.94
N ASP B 410 5.67 14.63 2.06
CA ASP B 410 6.45 14.89 3.26
C ASP B 410 7.32 13.71 3.63
N PHE B 411 6.75 12.50 3.58
CA PHE B 411 7.52 11.29 3.88
C PHE B 411 8.57 11.03 2.80
N GLN B 412 8.28 11.39 1.55
CA GLN B 412 9.22 11.13 0.47
C GLN B 412 10.51 11.94 0.66
N VAL B 413 10.39 13.23 0.95
CA VAL B 413 11.60 14.03 1.17
C VAL B 413 12.24 13.67 2.50
N LEU B 414 11.44 13.19 3.46
CA LEU B 414 12.00 12.70 4.72
C LEU B 414 12.88 11.48 4.47
N ALA B 415 12.39 10.54 3.66
CA ALA B 415 13.12 9.30 3.43
C ALA B 415 14.47 9.54 2.77
N VAL B 416 14.49 10.33 1.70
CA VAL B 416 15.68 10.43 0.86
C VAL B 416 16.67 11.47 1.37
N VAL B 417 16.20 12.60 1.91
CA VAL B 417 17.13 13.68 2.29
C VAL B 417 16.79 14.27 3.65
N ASN B 418 15.88 13.64 4.39
CA ASN B 418 15.42 14.17 5.69
C ASN B 418 14.83 15.57 5.57
N GLY B 419 14.17 15.85 4.45
CA GLY B 419 13.44 17.08 4.29
C GLY B 419 12.12 17.05 5.04
N PHE B 420 11.34 18.13 4.88
CA PHE B 420 10.06 18.25 5.55
C PHE B 420 9.21 19.30 4.86
N GLU B 421 7.90 19.13 4.96
CA GLU B 421 6.94 20.11 4.47
C GLU B 421 6.62 21.11 5.58
N ARG B 422 6.08 22.27 5.17
CA ARG B 422 5.85 23.38 6.07
C ARG B 422 4.41 23.85 6.01
N THR B 423 3.95 24.46 7.10
CA THR B 423 2.70 25.22 7.14
C THR B 423 2.92 26.63 6.60
N ARG B 424 1.81 27.35 6.39
CA ARG B 424 1.90 28.71 5.86
C ARG B 424 2.66 29.63 6.80
N GLU B 425 2.45 29.48 8.11
CA GLU B 425 3.18 30.33 9.04
C GLU B 425 4.67 30.00 9.07
N GLU B 426 5.02 28.72 8.92
CA GLU B 426 6.43 28.35 8.85
C GLU B 426 7.08 28.93 7.60
N TRP B 427 6.36 28.97 6.48
CA TRP B 427 6.89 29.61 5.27
C TRP B 427 7.13 31.10 5.50
N VAL B 428 6.14 31.80 6.05
CA VAL B 428 6.28 33.24 6.28
C VAL B 428 7.42 33.51 7.26
N THR B 429 7.48 32.73 8.35
CA THR B 429 8.57 32.87 9.30
C THR B 429 9.93 32.66 8.64
N LEU B 430 10.04 31.65 7.77
CA LEU B 430 11.31 31.35 7.13
C LEU B 430 11.74 32.48 6.18
N PHE B 431 10.79 32.99 5.39
CA PHE B 431 11.13 34.06 4.45
C PHE B 431 11.51 35.33 5.20
N LYS B 432 10.85 35.60 6.33
CA LYS B 432 11.17 36.80 7.08
C LYS B 432 12.51 36.70 7.78
N LYS B 433 12.92 35.49 8.18
CA LYS B 433 14.28 35.31 8.70
C LYS B 433 15.31 35.61 7.61
N ALA B 434 15.02 35.21 6.38
CA ALA B 434 15.93 35.52 5.28
C ALA B 434 16.03 37.02 5.05
N ASP B 435 14.89 37.72 5.09
CA ASP B 435 14.86 39.17 4.94
C ASP B 435 13.56 39.68 5.52
N PRO B 436 13.62 40.58 6.52
CA PRO B 436 12.38 41.06 7.15
C PRO B 436 11.45 41.79 6.21
N ARG B 437 11.93 42.19 5.03
CA ARG B 437 11.08 42.88 4.05
C ARG B 437 10.13 41.95 3.33
N PHE B 438 10.33 40.63 3.43
CA PHE B 438 9.50 39.69 2.68
C PHE B 438 8.05 39.72 3.17
N ALA B 439 7.13 39.70 2.22
CA ALA B 439 5.70 39.68 2.51
C ALA B 439 5.00 38.76 1.53
N LEU B 440 4.15 37.89 2.05
CA LEU B 440 3.35 36.98 1.22
C LEU B 440 2.17 37.73 0.66
N LYS B 441 2.20 38.02 -0.65
CA LYS B 441 1.09 38.70 -1.29
C LYS B 441 0.00 37.75 -1.77
N GLY B 442 0.34 36.49 -1.98
CA GLY B 442 -0.61 35.53 -2.50
C GLY B 442 -0.18 34.10 -2.24
N CYS B 443 -1.14 33.23 -1.91
CA CYS B 443 -0.89 31.83 -1.61
C CYS B 443 -2.03 31.04 -2.27
N ILE B 444 -1.89 30.78 -3.56
CA ILE B 444 -2.98 30.28 -4.38
C ILE B 444 -2.79 28.78 -4.59
N GLN B 445 -3.80 28.01 -4.19
CA GLN B 445 -3.81 26.55 -4.36
C GLN B 445 -5.13 26.19 -5.03
N THR B 446 -5.07 25.78 -6.30
CA THR B 446 -6.28 25.39 -7.00
C THR B 446 -6.86 24.13 -6.37
N VAL B 447 -8.20 24.04 -6.37
CA VAL B 447 -8.87 22.91 -5.75
C VAL B 447 -8.57 21.65 -6.56
N GLY B 448 -8.20 20.58 -5.86
CA GLY B 448 -7.67 19.38 -6.48
C GLY B 448 -6.17 19.32 -6.55
N ASN B 449 -5.49 20.45 -6.35
CA ASN B 449 -4.04 20.53 -6.31
C ASN B 449 -3.56 20.48 -4.86
N CYS B 450 -2.39 19.87 -4.66
CA CYS B 450 -1.81 19.78 -3.33
C CYS B 450 -0.73 20.82 -3.07
N ALA B 451 -0.20 21.45 -4.11
CA ALA B 451 0.83 22.47 -3.97
C ALA B 451 0.22 23.84 -4.22
N ALA B 452 0.81 24.85 -3.57
CA ALA B 452 0.37 26.23 -3.70
C ALA B 452 1.45 27.07 -4.37
N LEU B 453 1.01 28.05 -5.15
CA LEU B 453 1.90 29.03 -5.76
C LEU B 453 1.92 30.27 -4.89
N MET B 454 3.07 30.55 -4.27
CA MET B 454 3.21 31.64 -3.33
C MET B 454 4.05 32.74 -3.95
N GLU B 455 3.52 33.97 -3.95
CA GLU B 455 4.21 35.11 -4.52
C GLU B 455 4.70 36.00 -3.39
N TRP B 456 6.01 36.19 -3.33
CA TRP B 456 6.65 37.00 -2.31
C TRP B 456 7.21 38.27 -2.94
N ILE B 457 7.08 39.38 -2.22
CA ILE B 457 7.69 40.64 -2.63
C ILE B 457 8.47 41.20 -1.46
N LEU B 458 9.40 42.10 -1.78
CA LEU B 458 10.20 42.80 -0.79
C LEU B 458 9.58 44.17 -0.58
N GLU B 459 8.99 44.38 0.60
CA GLU B 459 8.36 45.65 0.91
C GLU B 459 9.35 46.67 1.44
C1 F5F C . 4.78 -19.11 6.00
C2 F5F C . 5.64 -18.09 5.85
C4 F5F C . 3.91 -16.57 6.12
C5 F5F C . 3.02 -17.64 6.26
C6 F5F C . 3.51 -18.90 6.21
C7 F5F C . 1.49 -17.56 6.49
C10 F5F C . 0.78 -17.01 5.28
C11 F5F C . -0.67 -17.23 5.56
C12 F5F C . -1.11 -16.29 6.67
C13 F5F C . -0.40 -16.70 7.90
C14 F5F C . 1.09 -16.74 7.70
C15 F5F C . 1.18 -17.78 4.06
C16 F5F C . -2.52 -16.54 7.01
C17 F5F C . 1.63 -17.44 8.90
C18 F5F C . 2.76 -17.04 9.37
N3 F5F C . 5.20 -16.84 5.93
O8 F5F C . 2.67 -19.97 6.33
O9 F5F C . 3.64 -15.45 6.17
C1 PEG D . 3.86 1.34 26.37
O1 PEG D . 3.62 1.32 27.78
C2 PEG D . 5.07 2.21 26.02
O2 PEG D . 6.24 1.39 25.87
C3 PEG D . 7.29 2.06 25.17
C4 PEG D . 8.61 1.31 25.37
O4 PEG D . 8.50 -0.03 24.91
C1 F5F E . 13.57 14.05 -4.85
C2 F5F E . 13.81 12.73 -4.62
C4 F5F E . 11.65 12.20 -5.19
C5 F5F E . 11.39 13.55 -5.41
C6 F5F E . 12.37 14.44 -5.24
C7 F5F E . 10.03 14.14 -5.84
C10 F5F E . 9.09 13.99 -4.66
C11 F5F E . 7.82 14.74 -4.91
C12 F5F E . 7.19 14.22 -6.20
C13 F5F E . 8.15 14.28 -7.35
C14 F5F E . 9.42 13.56 -7.09
C15 F5F E . 9.76 14.54 -3.46
C16 F5F E . 6.04 15.11 -6.60
C17 F5F E . 10.32 13.98 -8.18
C18 F5F E . 11.10 13.10 -8.68
N3 F5F E . 12.85 11.84 -4.82
O8 F5F E . 12.16 15.74 -5.46
O9 F5F E . 10.91 11.35 -5.32
C1 PEG F . 11.37 -5.13 -23.50
O1 PEG F . 11.20 -3.73 -23.22
C2 PEG F . 10.04 -5.84 -23.32
O2 PEG F . 9.27 -5.75 -24.51
C3 PEG F . 7.89 -6.05 -24.31
C4 PEG F . 7.14 -5.75 -25.61
O4 PEG F . 6.07 -4.84 -25.33
#